data_2ZXB
#
_entry.id   2ZXB
#
_cell.length_a   179.517
_cell.length_b   179.517
_cell.length_c   169.098
_cell.angle_alpha   90.00
_cell.angle_beta   90.00
_cell.angle_gamma   120.00
#
_symmetry.space_group_name_H-M   'H 3 2'
#
loop_
_entity.id
_entity.type
_entity.pdbx_description
1 polymer 'Alpha-L-fucosidase, putative'
2 non-polymer (2S,3R,4S,5R)-2-benzylpiperidine-3,4,5-triol
3 water water
#
_entity_poly.entity_id   1
_entity_poly.type   'polypeptide(L)'
_entity_poly.pdbx_seq_one_letter_code
;MISMKPRYKPDWESLREHTVPKWFDKAKFGIFIHWGIYSVPGWATPTGELGKVPMDAWFFQNPYAEWYENSLRIKESPTW
EYHVKTYGENFEYEKFADLFTAEKWDPQEWADLFKKAGAKYVIPTTKHHDGFCLWGTKYTDFNSVKRGPKRDLVGDLAKA
VREAGLRFGVYYSGGLDWRFTTEPIRYPEDLSYIRPNTYEYADYAYKQVMELVDLYLPDVLWNDMGWPEKGKEDLKYLFA
YYYNKHPEGSVNDRWGVPHWDFKTAEYHVNYPGDLPGYKWEFTRGIGLSFGYNRNEGPEHMLSVEQLVYTLVDVVSKGGN
LLLNVGPKGDGTIPDLQKERLLGLGEWLRKYGDAIYGTSVWERCCAKTEDGTEIRFTRKCNRIFVIFLGIPTGEKIVIED
LNLSAGTVRHFLTGERLSFKNVGKNLEITVPKKLLETDSITLVLEAVEEHHHHHH
;
_entity_poly.pdbx_strand_id   A,B
#
# COMPACT_ATOMS: atom_id res chain seq x y z
N ARG A 7 -1.11 -1.62 17.49
CA ARG A 7 -0.26 -0.41 17.76
C ARG A 7 0.88 -0.14 16.75
N TYR A 8 0.96 1.09 16.27
CA TYR A 8 2.04 1.50 15.42
C TYR A 8 3.18 1.91 16.34
N LYS A 9 4.41 1.63 15.92
CA LYS A 9 5.56 1.96 16.72
C LYS A 9 6.26 3.09 16.07
N PRO A 10 7.02 3.86 16.88
CA PRO A 10 7.78 5.02 16.41
C PRO A 10 9.03 4.66 15.58
N ASP A 11 8.82 4.02 14.44
CA ASP A 11 9.95 3.74 13.53
C ASP A 11 9.35 3.51 12.13
N TRP A 12 10.10 3.92 11.12
CA TRP A 12 9.68 3.86 9.73
C TRP A 12 9.19 2.54 9.23
N GLU A 13 9.80 1.48 9.73
CA GLU A 13 9.46 0.12 9.30
C GLU A 13 8.09 -0.27 9.81
N SER A 14 7.80 0.15 11.03
CA SER A 14 6.50 -0.16 11.60
C SER A 14 5.36 0.75 11.00
N LEU A 15 5.70 1.99 10.67
CA LEU A 15 4.70 2.90 10.13
C LEU A 15 4.38 2.53 8.70
N ARG A 16 5.22 1.68 8.11
CA ARG A 16 5.02 1.22 6.74
C ARG A 16 3.67 0.50 6.67
N GLU A 17 3.30 -0.12 7.76
CA GLU A 17 2.05 -0.82 7.90
C GLU A 17 0.86 0.04 7.68
N HIS A 18 0.96 1.34 7.90
CA HIS A 18 -0.18 2.19 7.67
C HIS A 18 -0.31 2.60 6.21
N THR A 19 -1.34 2.11 5.55
CA THR A 19 -1.51 2.42 4.12
C THR A 19 -2.59 3.46 4.08
N VAL A 20 -2.77 4.09 2.92
CA VAL A 20 -3.78 5.14 2.76
C VAL A 20 -5.18 4.54 3.04
N PRO A 21 -5.93 5.19 3.94
CA PRO A 21 -7.29 4.76 4.34
C PRO A 21 -8.27 4.61 3.18
N LYS A 22 -9.11 3.60 3.28
CA LYS A 22 -10.06 3.40 2.21
C LYS A 22 -10.84 4.67 1.89
N TRP A 23 -11.29 5.39 2.93
CA TRP A 23 -12.11 6.57 2.69
C TRP A 23 -11.47 7.56 1.74
N PHE A 24 -10.19 7.81 1.94
CA PHE A 24 -9.45 8.76 1.12
C PHE A 24 -9.36 8.25 -0.31
N ASP A 25 -8.97 7.00 -0.47
CA ASP A 25 -8.86 6.42 -1.78
C ASP A 25 -10.14 6.53 -2.57
N LYS A 26 -11.27 6.48 -1.89
CA LYS A 26 -12.57 6.57 -2.53
C LYS A 26 -13.14 7.96 -2.64
N ALA A 27 -12.70 8.88 -1.80
CA ALA A 27 -13.28 10.22 -1.82
C ALA A 27 -13.19 10.95 -3.16
N LYS A 28 -12.10 10.74 -3.89
CA LYS A 28 -11.88 11.37 -5.20
C LYS A 28 -11.78 12.86 -5.31
N PHE A 29 -12.56 13.61 -4.54
CA PHE A 29 -12.50 15.06 -4.68
C PHE A 29 -12.64 15.78 -3.36
N GLY A 30 -11.67 16.68 -3.12
CA GLY A 30 -11.62 17.51 -1.91
C GLY A 30 -11.43 19.03 -2.15
N ILE A 31 -11.80 19.85 -1.16
CA ILE A 31 -11.64 21.30 -1.26
C ILE A 31 -10.47 21.77 -0.31
N PHE A 32 -9.50 22.43 -0.90
CA PHE A 32 -8.33 22.99 -0.22
C PHE A 32 -8.82 24.43 0.06
N ILE A 33 -8.45 25.03 1.18
CA ILE A 33 -8.87 26.42 1.36
C ILE A 33 -7.66 27.22 1.86
N HIS A 34 -7.20 28.20 1.08
CA HIS A 34 -6.10 29.05 1.52
C HIS A 34 -6.71 30.36 1.95
N TRP A 35 -6.75 30.56 3.26
CA TRP A 35 -7.39 31.72 3.88
C TRP A 35 -6.50 32.19 5.01
N GLY A 36 -6.19 33.48 5.01
CA GLY A 36 -5.34 34.03 6.04
C GLY A 36 -5.28 35.56 5.91
N ILE A 37 -4.42 36.20 6.69
CA ILE A 37 -4.37 37.65 6.63
C ILE A 37 -3.96 38.13 5.22
N TYR A 38 -3.32 37.27 4.43
CA TYR A 38 -2.94 37.65 3.08
C TYR A 38 -4.19 37.80 2.25
N SER A 39 -5.26 37.17 2.68
CA SER A 39 -6.52 37.26 1.98
C SER A 39 -7.00 38.71 1.92
N VAL A 40 -6.66 39.53 2.92
CA VAL A 40 -7.07 40.94 3.01
C VAL A 40 -6.46 41.77 1.85
N PRO A 41 -5.10 41.81 1.71
CA PRO A 41 -4.72 42.62 0.54
C PRO A 41 -5.22 41.84 -0.65
N GLY A 42 -5.33 40.53 -0.51
CA GLY A 42 -5.83 39.69 -1.58
C GLY A 42 -5.37 40.15 -2.95
N TRP A 43 -4.05 40.27 -3.14
CA TRP A 43 -3.52 40.79 -4.38
C TRP A 43 -2.27 40.14 -4.93
N ALA A 44 -2.23 39.93 -6.23
CA ALA A 44 -1.05 39.36 -6.88
C ALA A 44 -1.06 39.58 -8.42
N THR A 45 0.11 39.71 -9.03
CA THR A 45 0.19 39.81 -10.48
C THR A 45 -0.08 38.37 -10.99
N PRO A 46 -1.22 38.13 -11.69
CA PRO A 46 -1.61 36.81 -12.23
C PRO A 46 -0.78 36.35 -13.44
N THR A 47 0.52 36.21 -13.23
CA THR A 47 1.52 35.83 -14.24
C THR A 47 1.30 34.47 -14.92
N GLY A 48 1.01 33.41 -14.16
CA GLY A 48 0.82 32.12 -14.81
C GLY A 48 0.67 30.88 -13.94
N GLU A 49 1.09 29.76 -14.51
CA GLU A 49 1.02 28.46 -13.83
C GLU A 49 2.39 27.91 -13.47
N LEU A 50 2.47 27.35 -12.27
CA LEU A 50 3.70 26.73 -11.79
C LEU A 50 4.04 25.67 -12.84
N GLY A 51 5.27 25.71 -13.33
CA GLY A 51 5.70 24.74 -14.32
C GLY A 51 5.71 25.45 -15.65
N LYS A 52 5.19 26.67 -15.67
CA LYS A 52 5.14 27.45 -16.89
C LYS A 52 5.82 28.81 -16.77
N VAL A 53 5.99 29.29 -15.55
CA VAL A 53 6.65 30.58 -15.30
C VAL A 53 8.13 30.28 -14.99
N PRO A 54 9.08 30.97 -15.68
CA PRO A 54 10.50 30.73 -15.41
C PRO A 54 10.84 31.17 -13.96
N MET A 55 11.30 30.22 -13.15
CA MET A 55 11.62 30.47 -11.73
C MET A 55 12.68 31.56 -11.54
N ASP A 56 13.18 32.10 -12.63
CA ASP A 56 14.18 33.15 -12.57
C ASP A 56 13.46 34.48 -12.22
N ALA A 57 12.18 34.58 -12.56
CA ALA A 57 11.40 35.78 -12.30
C ALA A 57 10.23 35.51 -11.35
N TRP A 58 9.81 34.26 -11.28
CA TRP A 58 8.70 33.85 -10.44
C TRP A 58 8.53 34.59 -9.11
N PHE A 59 9.52 34.56 -8.21
CA PHE A 59 9.31 35.23 -6.92
C PHE A 59 9.14 36.72 -6.94
N PHE A 60 9.56 37.36 -8.05
CA PHE A 60 9.44 38.82 -8.26
C PHE A 60 8.10 39.18 -8.96
N GLN A 61 7.47 38.21 -9.62
CA GLN A 61 6.16 38.39 -10.28
C GLN A 61 5.28 37.30 -9.70
N ASN A 62 5.37 37.07 -8.40
CA ASN A 62 4.62 35.98 -7.80
C ASN A 62 3.11 36.00 -8.03
N PRO A 63 2.58 35.00 -8.74
CA PRO A 63 1.13 34.96 -8.98
C PRO A 63 0.36 34.30 -7.84
N TYR A 64 1.02 33.90 -6.77
CA TYR A 64 0.36 33.27 -5.62
C TYR A 64 0.14 34.31 -4.57
N ALA A 65 -1.11 34.71 -4.36
CA ALA A 65 -1.38 35.76 -3.40
C ALA A 65 -1.04 35.39 -1.95
N GLU A 66 -1.09 34.11 -1.56
CA GLU A 66 -0.69 33.84 -0.21
C GLU A 66 0.77 34.25 0.01
N TRP A 67 1.58 34.46 -1.05
CA TRP A 67 2.99 34.83 -0.90
C TRP A 67 3.24 36.31 -0.73
N TYR A 68 2.17 37.06 -0.48
CA TYR A 68 2.23 38.50 -0.34
C TYR A 68 3.35 39.00 0.54
N GLU A 69 3.53 38.44 1.74
CA GLU A 69 4.60 38.98 2.59
C GLU A 69 5.97 38.79 1.93
N ASN A 70 6.25 37.61 1.37
CA ASN A 70 7.54 37.39 0.72
C ASN A 70 7.69 38.39 -0.42
N SER A 71 6.67 38.56 -1.26
CA SER A 71 6.77 39.53 -2.35
C SER A 71 6.95 40.97 -1.79
N LEU A 72 6.23 41.32 -0.72
CA LEU A 72 6.35 42.64 -0.12
C LEU A 72 7.76 42.92 0.37
N ARG A 73 8.47 41.89 0.83
CA ARG A 73 9.83 42.08 1.33
C ARG A 73 10.81 42.37 0.19
N ILE A 74 10.39 42.12 -1.04
CA ILE A 74 11.25 42.40 -2.21
C ILE A 74 10.88 43.79 -2.68
N LYS A 75 11.66 44.79 -2.31
CA LYS A 75 11.37 46.14 -2.74
C LYS A 75 11.41 46.30 -4.27
N GLU A 76 10.56 47.16 -4.77
CA GLU A 76 10.54 47.35 -6.22
C GLU A 76 10.17 45.98 -6.79
N SER A 77 8.96 45.56 -6.48
CA SER A 77 8.37 44.33 -6.93
C SER A 77 6.92 44.80 -7.10
N PRO A 78 6.20 44.27 -8.08
CA PRO A 78 4.83 44.77 -8.18
C PRO A 78 4.07 44.88 -6.83
N THR A 79 4.21 43.84 -5.99
CA THR A 79 3.52 43.82 -4.70
C THR A 79 3.93 44.99 -3.80
N TRP A 80 5.24 45.25 -3.78
CA TRP A 80 5.73 46.35 -2.98
C TRP A 80 5.12 47.66 -3.44
N GLU A 81 5.14 47.90 -4.76
CA GLU A 81 4.55 49.10 -5.32
C GLU A 81 3.06 49.24 -4.92
N TYR A 82 2.30 48.16 -5.13
CA TYR A 82 0.89 48.12 -4.80
C TYR A 82 0.68 48.38 -3.32
N HIS A 83 1.49 47.75 -2.48
CA HIS A 83 1.33 47.97 -1.04
C HIS A 83 1.52 49.43 -0.56
N VAL A 84 2.60 50.07 -0.98
CA VAL A 84 2.92 51.44 -0.59
C VAL A 84 1.86 52.41 -1.13
N LYS A 85 1.34 52.15 -2.33
CA LYS A 85 0.31 53.04 -2.84
C LYS A 85 -1.07 52.86 -2.12
N THR A 86 -1.43 51.60 -1.81
CA THR A 86 -2.72 51.20 -1.20
C THR A 86 -2.78 51.32 0.32
N TYR A 87 -1.73 50.86 0.97
CA TYR A 87 -1.70 50.85 2.41
C TYR A 87 -0.65 51.76 3.04
N GLY A 88 0.43 52.04 2.32
CA GLY A 88 1.48 52.86 2.89
C GLY A 88 2.73 52.10 3.29
N GLU A 89 3.87 52.78 3.21
CA GLU A 89 5.16 52.20 3.55
C GLU A 89 5.23 51.70 4.99
N ASN A 90 4.59 52.45 5.86
CA ASN A 90 4.58 52.20 7.28
C ASN A 90 3.64 51.14 7.73
N PHE A 91 2.97 50.51 6.80
CA PHE A 91 2.04 49.48 7.21
C PHE A 91 2.69 48.09 7.03
N GLU A 92 3.03 47.50 8.17
CA GLU A 92 3.67 46.17 8.21
C GLU A 92 2.66 45.09 7.88
N TYR A 93 3.16 44.04 7.27
CA TYR A 93 2.36 42.91 6.91
C TYR A 93 1.53 42.41 8.10
N GLU A 94 2.20 42.18 9.22
CA GLU A 94 1.57 41.66 10.42
C GLU A 94 0.33 42.44 10.78
N LYS A 95 0.30 43.71 10.39
CA LYS A 95 -0.82 44.56 10.70
C LYS A 95 -2.10 44.05 10.08
N PHE A 96 -2.01 43.29 8.99
CA PHE A 96 -3.23 42.73 8.40
C PHE A 96 -4.02 41.79 9.38
N ALA A 97 -3.35 41.22 10.36
CA ALA A 97 -4.10 40.38 11.29
C ALA A 97 -5.18 41.23 12.03
N ASP A 98 -5.05 42.55 11.96
CA ASP A 98 -6.02 43.42 12.59
C ASP A 98 -7.20 43.71 11.69
N LEU A 99 -6.99 43.67 10.37
CA LEU A 99 -8.07 43.92 9.44
C LEU A 99 -8.71 42.64 9.04
N PHE A 100 -8.15 41.53 9.46
CA PHE A 100 -8.68 40.24 9.04
C PHE A 100 -9.77 39.91 10.02
N THR A 101 -10.96 40.40 9.78
CA THR A 101 -12.00 40.20 10.76
C THR A 101 -13.06 39.21 10.46
N ALA A 102 -12.99 38.53 9.32
CA ALA A 102 -14.00 37.53 8.98
C ALA A 102 -15.43 37.92 9.32
N GLU A 103 -15.69 39.22 9.27
CA GLU A 103 -16.97 39.84 9.53
C GLU A 103 -18.22 39.02 9.09
N LYS A 104 -18.19 38.53 7.85
CA LYS A 104 -19.27 37.81 7.20
C LYS A 104 -19.01 36.32 7.03
N TRP A 105 -18.30 35.71 7.96
CA TRP A 105 -18.03 34.28 7.81
C TRP A 105 -19.12 33.40 8.45
N ASP A 106 -19.58 32.39 7.70
CA ASP A 106 -20.57 31.42 8.20
C ASP A 106 -20.02 30.05 7.81
N PRO A 107 -19.39 29.36 8.75
CA PRO A 107 -18.85 28.06 8.36
C PRO A 107 -19.82 27.07 7.81
N GLN A 108 -21.03 27.09 8.35
CA GLN A 108 -22.05 26.16 7.88
C GLN A 108 -22.32 26.42 6.44
N GLU A 109 -22.21 27.68 6.02
CA GLU A 109 -22.45 28.00 4.63
C GLU A 109 -21.36 27.43 3.76
N TRP A 110 -20.11 27.46 4.24
CA TRP A 110 -19.02 26.89 3.45
C TRP A 110 -19.20 25.38 3.30
N ALA A 111 -19.40 24.70 4.43
CA ALA A 111 -19.54 23.26 4.36
C ALA A 111 -20.68 22.91 3.49
N ASP A 112 -21.72 23.70 3.57
CA ASP A 112 -22.85 23.37 2.73
C ASP A 112 -22.43 23.45 1.28
N LEU A 113 -21.80 24.57 0.93
CA LEU A 113 -21.35 24.79 -0.43
C LEU A 113 -20.34 23.72 -0.89
N PHE A 114 -19.47 23.25 0.00
CA PHE A 114 -18.50 22.23 -0.44
C PHE A 114 -19.21 20.90 -0.62
N LYS A 115 -20.24 20.67 0.21
CA LYS A 115 -21.00 19.42 0.02
C LYS A 115 -21.74 19.50 -1.35
N LYS A 116 -22.38 20.63 -1.64
CA LYS A 116 -23.08 20.75 -2.90
C LYS A 116 -22.11 20.61 -4.05
N ALA A 117 -20.90 21.16 -3.90
CA ALA A 117 -19.91 21.07 -4.99
C ALA A 117 -19.36 19.67 -5.20
N GLY A 118 -19.83 18.67 -4.43
CA GLY A 118 -19.33 17.33 -4.63
C GLY A 118 -18.09 16.95 -3.81
N ALA A 119 -17.51 17.84 -3.00
CA ALA A 119 -16.35 17.49 -2.22
C ALA A 119 -16.68 16.50 -1.09
N LYS A 120 -15.74 15.60 -0.79
CA LYS A 120 -15.92 14.63 0.29
C LYS A 120 -15.02 14.98 1.46
N TYR A 121 -14.03 15.86 1.24
CA TYR A 121 -13.17 16.29 2.36
C TYR A 121 -12.71 17.70 2.16
N VAL A 122 -12.34 18.35 3.25
CA VAL A 122 -11.93 19.74 3.20
C VAL A 122 -10.68 19.95 4.01
N ILE A 123 -9.77 20.78 3.47
CA ILE A 123 -8.52 21.09 4.14
C ILE A 123 -8.14 22.58 4.12
N PRO A 124 -8.30 23.27 5.23
CA PRO A 124 -7.96 24.67 5.32
C PRO A 124 -6.50 24.87 5.79
N THR A 125 -5.90 25.97 5.35
CA THR A 125 -4.57 26.24 5.78
C THR A 125 -4.66 26.66 7.24
N THR A 126 -4.08 25.89 8.17
CA THR A 126 -4.13 26.30 9.58
C THR A 126 -3.02 27.29 9.87
N LYS A 127 -1.94 27.23 9.11
CA LYS A 127 -0.82 28.17 9.24
C LYS A 127 -0.04 28.08 7.91
N HIS A 128 0.07 29.18 7.20
CA HIS A 128 0.75 29.14 5.95
C HIS A 128 2.14 29.75 6.22
N HIS A 129 2.93 29.97 5.18
CA HIS A 129 4.25 30.53 5.41
C HIS A 129 4.38 31.86 6.23
N ASP A 130 3.35 32.72 6.26
CA ASP A 130 3.51 33.94 7.06
C ASP A 130 3.41 33.63 8.57
N GLY A 131 3.22 32.36 8.91
CA GLY A 131 3.18 31.94 10.28
C GLY A 131 2.03 32.38 11.11
N PHE A 132 0.99 33.00 10.51
CA PHE A 132 -0.20 33.42 11.28
C PHE A 132 -1.09 32.15 11.44
N CYS A 133 -1.61 31.86 12.65
CA CYS A 133 -2.44 30.64 12.90
C CYS A 133 -3.96 30.83 13.07
N LEU A 134 -4.75 30.05 12.34
CA LEU A 134 -6.19 30.18 12.38
C LEU A 134 -6.87 29.30 13.42
N TRP A 135 -6.19 29.13 14.57
CA TRP A 135 -6.74 28.39 15.73
C TRP A 135 -6.06 29.00 16.94
N GLY A 136 -6.61 28.75 18.13
CA GLY A 136 -6.02 29.37 19.29
C GLY A 136 -4.82 28.63 19.82
N THR A 137 -3.76 28.47 19.04
CA THR A 137 -2.57 27.78 19.49
C THR A 137 -2.05 28.43 20.78
N LYS A 138 -1.43 27.64 21.64
CA LYS A 138 -0.91 28.21 22.83
C LYS A 138 0.56 28.53 22.60
N TYR A 139 1.03 28.26 21.39
CA TYR A 139 2.44 28.50 21.12
C TYR A 139 2.84 29.86 20.49
N THR A 140 1.85 30.65 20.11
CA THR A 140 2.13 31.93 19.57
C THR A 140 0.91 32.84 19.73
N ASP A 141 1.19 34.13 19.90
CA ASP A 141 0.13 35.15 19.98
C ASP A 141 -0.36 35.63 18.62
N PHE A 142 0.28 35.23 17.52
CA PHE A 142 -0.10 35.67 16.19
C PHE A 142 -1.10 34.64 15.61
N ASN A 143 -2.29 34.61 16.17
CA ASN A 143 -3.30 33.62 15.77
C ASN A 143 -4.64 34.31 15.75
N SER A 144 -5.62 33.67 15.14
CA SER A 144 -6.92 34.27 14.98
C SER A 144 -7.81 34.51 16.20
N VAL A 145 -7.38 34.05 17.37
CA VAL A 145 -8.18 34.21 18.58
C VAL A 145 -7.80 35.51 19.27
N LYS A 146 -6.53 35.81 19.28
CA LYS A 146 -6.04 37.02 19.90
C LYS A 146 -6.00 38.25 19.02
N ARG A 147 -6.03 38.02 17.69
CA ARG A 147 -5.99 39.11 16.70
C ARG A 147 -7.19 38.99 15.79
N GLY A 148 -7.19 39.73 14.70
CA GLY A 148 -8.26 39.65 13.74
C GLY A 148 -9.62 39.20 14.19
N PRO A 149 -10.07 38.04 13.72
CA PRO A 149 -11.36 37.41 13.99
C PRO A 149 -11.75 37.22 15.41
N LYS A 150 -10.80 36.89 16.27
CA LYS A 150 -11.07 36.62 17.68
C LYS A 150 -11.97 35.42 17.58
N ARG A 151 -11.48 34.36 16.98
CA ARG A 151 -12.33 33.19 16.77
C ARG A 151 -11.43 32.05 16.37
N ASP A 152 -11.79 30.80 16.72
CA ASP A 152 -10.98 29.67 16.34
C ASP A 152 -11.58 29.20 15.04
N LEU A 153 -11.05 29.73 13.95
CA LEU A 153 -11.52 29.38 12.60
C LEU A 153 -11.37 27.89 12.28
N VAL A 154 -10.21 27.30 12.53
CA VAL A 154 -9.98 25.89 12.24
C VAL A 154 -11.07 25.08 12.92
N GLY A 155 -11.18 25.31 14.22
CA GLY A 155 -12.18 24.58 14.98
C GLY A 155 -13.62 24.77 14.54
N ASP A 156 -14.04 26.01 14.34
CA ASP A 156 -15.41 26.20 13.96
C ASP A 156 -15.65 25.65 12.59
N LEU A 157 -14.60 25.58 11.79
CA LEU A 157 -14.82 25.07 10.46
C LEU A 157 -14.84 23.56 10.50
N ALA A 158 -14.11 22.99 11.46
CA ALA A 158 -14.03 21.55 11.57
C ALA A 158 -15.39 20.98 12.05
N LYS A 159 -16.07 21.71 12.94
CA LYS A 159 -17.39 21.30 13.41
C LYS A 159 -18.35 21.32 12.21
N ALA A 160 -18.32 22.39 11.42
CA ALA A 160 -19.19 22.53 10.26
C ALA A 160 -18.98 21.49 9.21
N VAL A 161 -17.76 21.33 8.73
CA VAL A 161 -17.52 20.37 7.70
C VAL A 161 -17.91 18.99 8.24
N ARG A 162 -17.72 18.78 9.53
CA ARG A 162 -18.11 17.50 10.05
C ARG A 162 -19.65 17.32 10.14
N GLU A 163 -20.35 18.38 10.54
CA GLU A 163 -21.81 18.34 10.59
C GLU A 163 -22.32 18.02 9.18
N ALA A 164 -21.69 18.63 8.17
CA ALA A 164 -22.08 18.38 6.80
C ALA A 164 -21.71 16.94 6.38
N GLY A 165 -21.11 16.17 7.29
CA GLY A 165 -20.74 14.80 7.01
C GLY A 165 -19.53 14.63 6.13
N LEU A 166 -18.67 15.65 6.14
CA LEU A 166 -17.43 15.61 5.36
C LEU A 166 -16.16 15.46 6.24
N ARG A 167 -15.15 14.79 5.66
CA ARG A 167 -13.86 14.54 6.29
C ARG A 167 -13.15 15.88 6.37
N PHE A 168 -12.44 16.10 7.47
CA PHE A 168 -11.69 17.33 7.70
C PHE A 168 -10.20 17.11 7.91
N GLY A 169 -9.38 17.82 7.18
CA GLY A 169 -7.96 17.65 7.36
C GLY A 169 -7.37 19.02 7.63
N VAL A 170 -6.06 19.05 7.83
CA VAL A 170 -5.42 20.33 8.09
C VAL A 170 -4.22 20.59 7.26
N TYR A 171 -4.02 21.81 6.81
CA TYR A 171 -2.81 22.13 6.08
C TYR A 171 -1.88 22.82 7.11
N TYR A 172 -0.57 22.58 7.06
CA TYR A 172 0.31 23.24 8.00
C TYR A 172 1.66 23.52 7.36
N SER A 173 2.13 24.74 7.39
CA SER A 173 3.43 25.09 6.76
C SER A 173 4.58 24.66 7.64
N GLY A 174 5.00 23.40 7.53
CA GLY A 174 6.07 22.94 8.38
C GLY A 174 7.40 23.49 7.96
N GLY A 175 7.59 23.54 6.64
CA GLY A 175 8.84 24.02 6.07
C GLY A 175 9.21 25.53 6.07
N LEU A 176 8.21 26.39 6.00
CA LEU A 176 8.47 27.79 6.00
C LEU A 176 7.61 28.49 7.06
N ASP A 177 8.16 29.53 7.70
CA ASP A 177 7.40 30.33 8.68
C ASP A 177 8.16 31.66 8.68
N TRP A 178 7.62 32.66 7.99
CA TRP A 178 8.37 33.94 7.86
C TRP A 178 8.48 34.76 9.19
N ARG A 179 7.85 34.25 10.23
CA ARG A 179 7.98 34.84 11.52
C ARG A 179 9.39 34.49 12.06
N PHE A 180 10.09 33.55 11.41
CA PHE A 180 11.42 33.20 11.85
C PHE A 180 12.55 33.68 10.87
N THR A 181 12.21 34.49 9.86
CA THR A 181 13.21 34.98 8.92
C THR A 181 12.97 36.44 8.58
N THR A 182 13.93 37.08 7.93
CA THR A 182 13.79 38.50 7.55
C THR A 182 14.03 38.67 6.06
N GLU A 183 14.86 37.82 5.49
CA GLU A 183 15.15 37.95 4.09
C GLU A 183 14.09 37.23 3.22
N PRO A 184 13.65 37.85 2.10
CA PRO A 184 12.64 37.18 1.26
C PRO A 184 13.30 36.12 0.34
N ILE A 185 12.48 35.24 -0.22
CA ILE A 185 12.96 34.24 -1.18
C ILE A 185 12.93 35.01 -2.51
N ARG A 186 14.06 35.06 -3.22
CA ARG A 186 14.15 35.74 -4.53
C ARG A 186 14.37 34.74 -5.63
N TYR A 187 14.99 33.59 -5.33
CA TYR A 187 15.18 32.53 -6.30
C TYR A 187 15.01 31.14 -5.67
N PRO A 188 14.64 30.12 -6.48
CA PRO A 188 14.47 28.78 -5.88
C PRO A 188 15.59 28.39 -4.92
N GLU A 189 16.86 28.59 -5.30
CA GLU A 189 18.00 28.23 -4.44
C GLU A 189 17.98 28.85 -3.03
N ASP A 190 17.28 29.97 -2.91
CA ASP A 190 17.23 30.62 -1.64
C ASP A 190 16.62 29.73 -0.59
N LEU A 191 15.69 28.88 -1.04
CA LEU A 191 14.97 28.01 -0.18
C LEU A 191 15.83 27.03 0.56
N SER A 192 17.08 26.92 0.16
CA SER A 192 17.93 25.92 0.79
C SER A 192 18.56 26.49 2.03
N TYR A 193 18.54 27.81 2.15
CA TYR A 193 19.14 28.34 3.36
C TYR A 193 18.27 29.35 4.13
N ILE A 194 17.26 29.95 3.49
CA ILE A 194 16.42 30.88 4.21
C ILE A 194 15.17 30.12 4.74
N ARG A 195 15.34 29.58 5.94
CA ARG A 195 14.36 28.73 6.60
C ARG A 195 14.55 29.08 8.07
N PRO A 196 13.63 28.66 8.97
CA PRO A 196 13.87 29.01 10.40
C PRO A 196 15.21 28.48 10.95
N ASN A 197 15.60 27.25 10.59
CA ASN A 197 16.84 26.61 10.99
C ASN A 197 17.11 26.23 12.47
N THR A 198 16.41 26.80 13.43
CA THR A 198 16.71 26.51 14.82
C THR A 198 16.04 25.31 15.43
N TYR A 199 16.53 24.93 16.59
CA TYR A 199 15.97 23.80 17.31
C TYR A 199 14.59 24.23 17.76
N GLU A 200 14.56 25.40 18.33
CA GLU A 200 13.32 26.03 18.74
C GLU A 200 12.22 25.88 17.62
N TYR A 201 12.50 26.28 16.38
CA TYR A 201 11.46 26.14 15.36
C TYR A 201 11.02 24.66 15.14
N ALA A 202 11.96 23.73 15.14
CA ALA A 202 11.59 22.34 14.99
C ALA A 202 10.65 21.95 16.14
N ASP A 203 10.92 22.42 17.34
CA ASP A 203 10.07 22.11 18.48
C ASP A 203 8.70 22.78 18.28
N TYR A 204 8.70 24.01 17.76
CA TYR A 204 7.45 24.75 17.56
C TYR A 204 6.53 23.99 16.58
N ALA A 205 7.05 23.59 15.40
CA ALA A 205 6.28 22.82 14.42
C ALA A 205 5.70 21.57 15.07
N TYR A 206 6.56 20.81 15.75
CA TYR A 206 6.14 19.55 16.40
C TYR A 206 4.98 19.83 17.40
N LYS A 207 5.18 20.85 18.26
CA LYS A 207 4.15 21.15 19.24
C LYS A 207 2.91 21.59 18.53
N GLN A 208 3.07 22.32 17.45
CA GLN A 208 1.84 22.82 16.84
C GLN A 208 1.05 21.76 16.11
N VAL A 209 1.73 20.81 15.46
CA VAL A 209 1.00 19.78 14.78
C VAL A 209 0.41 18.83 15.86
N MET A 210 1.13 18.61 16.97
CA MET A 210 0.59 17.78 18.04
C MET A 210 -0.72 18.46 18.51
N GLU A 211 -0.66 19.78 18.68
CA GLU A 211 -1.82 20.52 19.12
C GLU A 211 -2.97 20.29 18.12
N LEU A 212 -2.70 20.45 16.82
CA LEU A 212 -3.77 20.22 15.86
C LEU A 212 -4.27 18.77 16.04
N VAL A 213 -3.36 17.80 16.19
CA VAL A 213 -3.82 16.43 16.39
C VAL A 213 -4.66 16.31 17.70
N ASP A 214 -4.19 16.90 18.81
CA ASP A 214 -4.98 16.79 20.01
C ASP A 214 -6.39 17.49 19.97
N LEU A 215 -6.44 18.73 19.52
CA LEU A 215 -7.67 19.52 19.47
C LEU A 215 -8.66 19.06 18.43
N TYR A 216 -8.17 18.65 17.25
CA TYR A 216 -9.06 18.33 16.15
C TYR A 216 -9.00 16.98 15.49
N LEU A 217 -8.02 16.17 15.90
CA LEU A 217 -7.80 14.85 15.34
C LEU A 217 -8.15 14.82 13.83
N PRO A 218 -7.46 15.64 13.01
CA PRO A 218 -7.80 15.62 11.58
C PRO A 218 -7.68 14.26 10.82
N ASP A 219 -8.41 14.19 9.71
CA ASP A 219 -8.42 13.03 8.82
C ASP A 219 -7.21 13.04 7.91
N VAL A 220 -6.58 14.21 7.81
CA VAL A 220 -5.40 14.38 6.97
C VAL A 220 -4.36 15.34 7.51
N LEU A 221 -3.10 14.97 7.49
CA LEU A 221 -2.09 15.90 7.95
C LEU A 221 -1.42 16.33 6.66
N TRP A 222 -1.67 17.54 6.20
CA TRP A 222 -1.11 17.88 4.91
C TRP A 222 -0.01 18.88 5.15
N ASN A 223 1.22 18.42 5.21
CA ASN A 223 2.31 19.34 5.45
C ASN A 223 2.83 20.05 4.15
N ASP A 224 3.52 21.18 4.29
CA ASP A 224 4.03 21.76 3.08
C ASP A 224 5.50 22.19 3.26
N MET A 225 6.23 22.22 2.16
CA MET A 225 7.59 22.72 2.14
C MET A 225 8.55 21.96 3.02
N GLY A 226 8.33 20.68 3.16
CA GLY A 226 9.27 19.92 3.94
C GLY A 226 9.17 20.17 5.41
N TRP A 227 9.89 19.34 6.18
CA TRP A 227 9.87 19.47 7.63
C TRP A 227 11.26 19.87 8.06
N PRO A 228 11.36 20.74 9.08
CA PRO A 228 12.69 21.17 9.58
C PRO A 228 13.62 19.96 9.81
N GLU A 229 14.79 19.99 9.18
CA GLU A 229 15.76 18.89 9.29
C GLU A 229 15.97 18.45 10.76
N LYS A 230 16.18 19.42 11.64
CA LYS A 230 16.36 19.07 13.03
C LYS A 230 15.14 18.41 13.60
N GLY A 231 13.98 18.48 12.92
CA GLY A 231 12.80 17.83 13.43
C GLY A 231 12.34 16.58 12.69
N LYS A 232 12.99 16.18 11.62
CA LYS A 232 12.49 14.99 10.91
C LYS A 232 12.31 13.78 11.77
N GLU A 233 13.20 13.53 12.72
CA GLU A 233 13.03 12.35 13.57
C GLU A 233 11.82 12.39 14.51
N ASP A 234 11.33 13.57 14.81
CA ASP A 234 10.17 13.61 15.69
C ASP A 234 9.02 12.97 14.95
N LEU A 235 9.01 13.15 13.63
CA LEU A 235 7.92 12.58 12.86
C LEU A 235 7.63 11.09 13.13
N LYS A 236 8.63 10.30 13.56
CA LYS A 236 8.35 8.90 13.84
C LYS A 236 7.36 8.89 14.99
N TYR A 237 7.68 9.71 15.98
CA TYR A 237 6.80 9.80 17.14
C TYR A 237 5.45 10.42 16.81
N LEU A 238 5.41 11.51 16.03
CA LEU A 238 4.14 12.18 15.75
C LEU A 238 3.15 11.27 14.96
N PHE A 239 3.65 10.61 13.91
CA PHE A 239 2.86 9.71 13.09
C PHE A 239 2.33 8.54 13.93
N ALA A 240 3.20 7.90 14.74
CA ALA A 240 2.71 6.78 15.54
C ALA A 240 1.59 7.25 16.46
N TYR A 241 1.85 8.39 17.09
CA TYR A 241 0.91 9.01 18.00
C TYR A 241 -0.43 9.26 17.31
N TYR A 242 -0.35 9.93 16.17
CA TYR A 242 -1.50 10.29 15.37
C TYR A 242 -2.34 9.07 14.92
N TYR A 243 -1.71 8.13 14.22
CA TYR A 243 -2.32 6.91 13.77
C TYR A 243 -2.85 6.13 14.96
N ASN A 244 -2.13 6.17 16.06
CA ASN A 244 -2.64 5.39 17.15
C ASN A 244 -3.91 5.97 17.69
N LYS A 245 -4.06 7.28 17.62
CA LYS A 245 -5.28 7.92 18.06
C LYS A 245 -6.34 7.78 16.95
N HIS A 246 -5.89 7.85 15.67
CA HIS A 246 -6.77 7.85 14.51
C HIS A 246 -6.24 6.95 13.38
N PRO A 247 -6.56 5.68 13.42
CA PRO A 247 -6.00 4.85 12.33
C PRO A 247 -6.40 5.20 10.95
N GLU A 248 -7.65 5.62 10.74
CA GLU A 248 -8.04 5.96 9.37
C GLU A 248 -7.52 7.38 9.00
N GLY A 249 -6.67 7.94 9.85
CA GLY A 249 -6.05 9.21 9.49
C GLY A 249 -5.09 8.98 8.30
N SER A 250 -4.64 10.05 7.67
CA SER A 250 -3.74 9.94 6.52
C SER A 250 -2.71 11.04 6.61
N VAL A 251 -1.67 10.95 5.81
CA VAL A 251 -0.62 11.92 5.86
C VAL A 251 -0.04 12.10 4.45
N ASN A 252 0.31 13.31 4.02
CA ASN A 252 0.84 13.51 2.66
C ASN A 252 2.38 13.32 2.53
N ASP A 253 2.96 13.68 1.39
CA ASP A 253 4.37 13.38 1.11
C ASP A 253 5.32 14.56 1.10
N ARG A 254 5.07 15.54 1.94
CA ARG A 254 5.87 16.72 1.89
C ARG A 254 6.60 16.97 3.18
N TRP A 255 7.00 15.89 3.83
CA TRP A 255 7.71 15.96 5.09
C TRP A 255 9.22 15.73 4.90
N GLY A 256 9.60 15.09 3.79
CA GLY A 256 10.99 14.84 3.57
C GLY A 256 11.49 13.71 4.49
N VAL A 257 10.65 12.70 4.75
CA VAL A 257 11.03 11.54 5.56
C VAL A 257 10.46 10.30 4.84
N PRO A 258 10.97 9.09 5.16
CA PRO A 258 10.55 7.83 4.58
C PRO A 258 9.07 7.46 4.57
N HIS A 259 8.19 8.11 5.30
CA HIS A 259 6.79 7.70 5.28
C HIS A 259 5.86 8.75 4.75
N TRP A 260 4.74 8.27 4.21
CA TRP A 260 3.69 9.09 3.64
C TRP A 260 2.61 8.12 3.17
N ASP A 261 1.35 8.55 3.18
CA ASP A 261 0.25 7.74 2.70
C ASP A 261 -0.11 8.00 1.24
N PHE A 262 0.09 9.21 0.74
CA PHE A 262 -0.24 9.49 -0.65
C PHE A 262 0.65 10.62 -1.18
N LYS A 263 1.04 10.57 -2.44
CA LYS A 263 1.89 11.65 -2.92
C LYS A 263 1.09 12.84 -3.42
N THR A 264 1.79 13.90 -3.82
CA THR A 264 1.14 15.12 -4.30
C THR A 264 1.74 15.64 -5.64
N ALA A 265 0.98 16.44 -6.36
CA ALA A 265 1.43 16.99 -7.66
C ALA A 265 0.71 18.30 -7.74
N GLU A 266 1.43 19.35 -8.10
CA GLU A 266 0.87 20.73 -8.16
C GLU A 266 0.86 21.27 -9.60
N TYR A 267 -0.21 21.96 -10.01
CA TYR A 267 -0.32 22.44 -11.41
C TYR A 267 0.49 21.46 -12.31
N HIS A 268 1.48 21.96 -13.05
CA HIS A 268 2.25 21.08 -13.92
C HIS A 268 3.18 20.15 -13.18
N VAL A 269 3.68 20.62 -12.07
CA VAL A 269 4.61 19.90 -11.21
C VAL A 269 4.13 18.53 -10.67
N ASN A 270 4.78 17.47 -11.19
CA ASN A 270 4.56 16.06 -10.81
C ASN A 270 3.36 15.33 -11.37
N TYR A 271 2.76 15.91 -12.42
CA TYR A 271 1.58 15.31 -13.02
C TYR A 271 1.88 14.04 -13.81
N PRO A 272 1.35 12.88 -13.35
CA PRO A 272 1.56 11.59 -14.03
C PRO A 272 0.88 11.48 -15.40
N GLY A 273 1.57 10.84 -16.35
CA GLY A 273 1.05 10.69 -17.71
C GLY A 273 0.11 9.53 -17.81
N ASP A 274 0.37 8.50 -17.01
CA ASP A 274 -0.48 7.33 -16.99
C ASP A 274 -0.56 6.85 -15.52
N LEU A 275 -1.09 5.65 -15.31
CA LEU A 275 -1.25 5.08 -13.99
C LEU A 275 0.08 4.94 -13.21
N PRO A 276 0.16 5.49 -11.96
CA PRO A 276 1.40 5.34 -11.15
C PRO A 276 0.98 4.16 -10.22
N GLY A 277 1.87 3.61 -9.41
CA GLY A 277 1.42 2.49 -8.58
C GLY A 277 1.12 2.78 -7.13
N TYR A 278 0.79 4.05 -6.86
CA TYR A 278 0.45 4.49 -5.52
C TYR A 278 -0.54 5.63 -5.58
N LYS A 279 -1.18 5.88 -4.46
CA LYS A 279 -2.16 6.93 -4.35
C LYS A 279 -1.53 8.31 -4.33
N TRP A 280 -2.13 9.23 -5.06
CA TRP A 280 -1.64 10.59 -5.13
C TRP A 280 -2.84 11.53 -5.22
N GLU A 281 -2.54 12.83 -5.14
CA GLU A 281 -3.56 13.87 -5.16
C GLU A 281 -2.97 15.10 -5.90
N PHE A 282 -3.75 15.57 -6.88
CA PHE A 282 -3.39 16.71 -7.71
C PHE A 282 -3.95 17.94 -7.08
N THR A 283 -3.19 18.98 -7.03
CA THR A 283 -3.72 20.14 -6.39
C THR A 283 -3.62 21.38 -7.32
N ARG A 284 -4.64 22.23 -7.25
CA ARG A 284 -4.65 23.48 -8.01
C ARG A 284 -5.75 24.43 -7.63
N GLY A 285 -5.53 25.69 -7.92
CA GLY A 285 -6.56 26.65 -7.61
C GLY A 285 -7.56 26.68 -8.75
N ILE A 286 -8.73 27.29 -8.53
CA ILE A 286 -9.68 27.41 -9.61
C ILE A 286 -8.98 28.42 -10.55
N GLY A 287 -8.25 29.37 -9.96
CA GLY A 287 -7.52 30.37 -10.74
C GLY A 287 -6.04 30.06 -10.65
N LEU A 288 -5.17 31.03 -10.89
CA LEU A 288 -3.70 30.81 -10.77
C LEU A 288 -3.17 30.89 -9.32
N SER A 289 -3.93 31.51 -8.43
CA SER A 289 -3.53 31.69 -7.04
C SER A 289 -4.33 30.75 -6.12
N PHE A 290 -3.78 30.53 -4.91
CA PHE A 290 -4.45 29.73 -3.88
C PHE A 290 -5.13 30.70 -2.96
N GLY A 291 -4.43 31.75 -2.62
CA GLY A 291 -5.04 32.76 -1.79
C GLY A 291 -5.83 33.64 -2.76
N TYR A 292 -6.89 34.29 -2.26
CA TYR A 292 -7.71 35.18 -3.08
C TYR A 292 -6.84 36.23 -3.82
N ASN A 293 -7.10 36.38 -5.12
CA ASN A 293 -6.38 37.39 -5.91
C ASN A 293 -7.40 38.28 -6.60
N ARG A 294 -7.62 39.49 -6.10
CA ARG A 294 -8.61 40.35 -6.74
C ARG A 294 -8.32 40.64 -8.23
N ASN A 295 -7.12 40.37 -8.70
CA ASN A 295 -6.82 40.62 -10.10
C ASN A 295 -7.24 39.47 -11.01
N GLU A 296 -7.67 38.37 -10.46
CA GLU A 296 -8.01 37.32 -11.36
C GLU A 296 -9.46 37.41 -11.76
N GLY A 297 -9.69 37.23 -13.07
CA GLY A 297 -11.02 37.25 -13.63
C GLY A 297 -11.19 35.90 -14.26
N PRO A 298 -12.29 35.67 -14.99
CA PRO A 298 -12.53 34.37 -15.61
C PRO A 298 -11.49 33.94 -16.60
N GLU A 299 -10.76 34.90 -17.17
CA GLU A 299 -9.71 34.58 -18.14
C GLU A 299 -8.69 33.72 -17.44
N HIS A 300 -8.63 33.84 -16.11
CA HIS A 300 -7.64 33.11 -15.32
C HIS A 300 -8.12 31.77 -14.73
N MET A 301 -9.42 31.63 -14.57
CA MET A 301 -9.97 30.44 -13.97
C MET A 301 -10.30 29.37 -14.94
N LEU A 302 -10.46 28.17 -14.40
CA LEU A 302 -10.83 27.01 -15.17
C LEU A 302 -12.35 27.08 -15.40
N SER A 303 -12.81 26.45 -16.46
CA SER A 303 -14.23 26.45 -16.74
C SER A 303 -14.77 25.15 -16.14
N VAL A 304 -16.08 25.13 -15.87
CA VAL A 304 -16.69 23.95 -15.30
C VAL A 304 -16.30 22.80 -16.16
N GLU A 305 -16.30 23.02 -17.46
CA GLU A 305 -15.97 21.94 -18.40
C GLU A 305 -14.54 21.45 -18.13
N GLN A 306 -13.66 22.43 -17.94
CA GLN A 306 -12.26 22.18 -17.67
C GLN A 306 -12.08 21.50 -16.31
N LEU A 307 -12.88 21.92 -15.32
CA LEU A 307 -12.80 21.29 -14.01
C LEU A 307 -13.10 19.81 -14.15
N VAL A 308 -14.26 19.51 -14.71
CA VAL A 308 -14.69 18.13 -14.92
C VAL A 308 -13.65 17.29 -15.68
N TYR A 309 -13.14 17.82 -16.78
CA TYR A 309 -12.15 17.10 -17.54
C TYR A 309 -10.95 16.81 -16.67
N THR A 310 -10.60 17.77 -15.83
CA THR A 310 -9.45 17.65 -14.88
C THR A 310 -9.69 16.52 -13.85
N LEU A 311 -10.77 16.64 -13.09
CA LEU A 311 -11.09 15.61 -12.11
C LEU A 311 -11.16 14.24 -12.79
N VAL A 312 -11.87 14.14 -13.90
CA VAL A 312 -11.95 12.83 -14.53
C VAL A 312 -10.57 12.31 -14.91
N ASP A 313 -9.70 13.19 -15.41
CA ASP A 313 -8.37 12.70 -15.80
C ASP A 313 -7.56 12.27 -14.61
N VAL A 314 -7.59 13.10 -13.57
CA VAL A 314 -6.89 12.80 -12.32
C VAL A 314 -7.41 11.44 -11.75
N VAL A 315 -8.75 11.25 -11.74
CA VAL A 315 -9.33 10.03 -11.20
C VAL A 315 -9.04 8.77 -11.99
N SER A 316 -9.10 8.81 -13.31
CA SER A 316 -8.82 7.65 -14.15
C SER A 316 -7.38 7.22 -13.95
N LYS A 317 -6.59 8.07 -13.29
CA LYS A 317 -5.18 7.77 -13.06
C LYS A 317 -4.85 7.40 -11.60
N GLY A 318 -5.87 7.16 -10.78
CA GLY A 318 -5.68 6.76 -9.40
C GLY A 318 -5.62 7.89 -8.43
N GLY A 319 -5.66 9.14 -8.89
CA GLY A 319 -5.56 10.24 -7.94
C GLY A 319 -6.84 10.84 -7.41
N ASN A 320 -6.70 11.80 -6.50
CA ASN A 320 -7.82 12.58 -5.98
C ASN A 320 -7.50 13.99 -6.48
N LEU A 321 -8.52 14.83 -6.63
CA LEU A 321 -8.29 16.20 -7.07
C LEU A 321 -8.56 17.07 -5.87
N LEU A 322 -7.56 17.81 -5.40
CA LEU A 322 -7.78 18.70 -4.26
C LEU A 322 -7.89 20.16 -4.80
N LEU A 323 -9.13 20.62 -5.07
CA LEU A 323 -9.37 21.98 -5.65
C LEU A 323 -9.31 23.00 -4.58
N ASN A 324 -8.58 24.08 -4.85
CA ASN A 324 -8.42 25.09 -3.83
C ASN A 324 -9.32 26.26 -4.01
N VAL A 325 -9.94 26.75 -2.94
CA VAL A 325 -10.71 27.98 -3.05
C VAL A 325 -10.04 29.07 -2.17
N GLY A 326 -10.03 30.30 -2.64
CA GLY A 326 -9.44 31.34 -1.85
C GLY A 326 -10.45 32.38 -1.39
N PRO A 327 -10.95 32.27 -0.14
CA PRO A 327 -11.92 33.20 0.44
C PRO A 327 -11.36 34.63 0.63
N LYS A 328 -12.25 35.58 0.89
CA LYS A 328 -11.86 36.96 1.10
C LYS A 328 -11.65 37.22 2.58
N GLY A 329 -11.09 38.36 2.90
CA GLY A 329 -10.87 38.67 4.31
C GLY A 329 -12.12 38.74 5.14
N ASP A 330 -13.26 39.00 4.51
CA ASP A 330 -14.51 39.09 5.27
C ASP A 330 -15.17 37.71 5.52
N GLY A 331 -14.63 36.65 4.90
CA GLY A 331 -15.15 35.32 5.07
C GLY A 331 -16.12 34.83 4.00
N THR A 332 -16.19 35.55 2.89
CA THR A 332 -17.10 35.20 1.81
C THR A 332 -16.31 34.58 0.70
N ILE A 333 -16.95 33.78 -0.14
CA ILE A 333 -16.27 33.09 -1.23
C ILE A 333 -16.67 33.71 -2.54
N PRO A 334 -15.73 34.35 -3.24
CA PRO A 334 -16.01 35.01 -4.53
C PRO A 334 -16.93 34.23 -5.45
N ASP A 335 -17.87 34.91 -6.09
CA ASP A 335 -18.84 34.23 -6.96
C ASP A 335 -18.24 33.50 -8.13
N LEU A 336 -17.13 33.99 -8.65
CA LEU A 336 -16.49 33.31 -9.77
C LEU A 336 -16.12 31.89 -9.34
N GLN A 337 -15.77 31.76 -8.06
CA GLN A 337 -15.37 30.48 -7.54
C GLN A 337 -16.59 29.70 -7.07
N LYS A 338 -17.55 30.39 -6.52
CA LYS A 338 -18.73 29.71 -6.10
C LYS A 338 -19.44 29.11 -7.37
N GLU A 339 -19.47 29.88 -8.47
CA GLU A 339 -20.14 29.40 -9.70
C GLU A 339 -19.60 28.09 -10.13
N ARG A 340 -18.28 28.07 -10.26
CA ARG A 340 -17.57 26.88 -10.71
C ARG A 340 -17.68 25.67 -9.79
N LEU A 341 -17.76 25.89 -8.49
CA LEU A 341 -17.89 24.78 -7.58
C LEU A 341 -19.23 24.11 -7.81
N LEU A 342 -20.26 24.94 -7.91
CA LEU A 342 -21.63 24.48 -8.12
C LEU A 342 -21.78 23.73 -9.44
N GLY A 343 -21.07 24.19 -10.47
CA GLY A 343 -21.15 23.52 -11.76
C GLY A 343 -20.48 22.16 -11.78
N LEU A 344 -19.40 22.01 -11.01
CA LEU A 344 -18.73 20.74 -10.91
C LEU A 344 -19.69 19.87 -10.09
N GLY A 345 -20.19 20.46 -9.02
CA GLY A 345 -21.12 19.77 -8.17
C GLY A 345 -22.21 19.17 -9.00
N GLU A 346 -22.82 19.98 -9.86
CA GLU A 346 -23.91 19.49 -10.72
C GLU A 346 -23.55 18.31 -11.59
N TRP A 347 -22.41 18.36 -12.26
CA TRP A 347 -22.00 17.21 -13.08
C TRP A 347 -21.73 15.97 -12.17
N LEU A 348 -21.32 16.20 -10.93
CA LEU A 348 -21.05 15.06 -10.07
C LEU A 348 -22.37 14.39 -9.61
N ARG A 349 -23.45 15.19 -9.42
CA ARG A 349 -24.74 14.63 -9.06
C ARG A 349 -25.13 13.65 -10.17
N LYS A 350 -24.97 14.05 -11.42
CA LYS A 350 -25.32 13.17 -12.53
C LYS A 350 -24.38 12.00 -12.75
N TYR A 351 -23.09 12.23 -12.57
CA TYR A 351 -22.14 11.19 -12.92
C TYR A 351 -21.30 10.63 -11.77
N GLY A 352 -21.65 11.08 -10.56
CA GLY A 352 -20.92 10.61 -9.40
C GLY A 352 -20.53 9.16 -9.46
N ASP A 353 -21.52 8.32 -9.61
CA ASP A 353 -21.32 6.90 -9.67
C ASP A 353 -20.18 6.42 -10.60
N ALA A 354 -19.77 7.23 -11.56
CA ALA A 354 -18.63 6.78 -12.39
C ALA A 354 -17.29 7.37 -11.83
N ILE A 355 -17.38 8.12 -10.74
CA ILE A 355 -16.20 8.74 -10.17
C ILE A 355 -15.92 8.26 -8.75
N TYR A 356 -16.81 8.63 -7.83
CA TYR A 356 -16.67 8.20 -6.46
C TYR A 356 -16.51 6.69 -6.35
N GLY A 357 -15.66 6.25 -5.43
CA GLY A 357 -15.53 4.83 -5.18
C GLY A 357 -15.00 3.98 -6.29
N THR A 358 -14.45 4.60 -7.33
CA THR A 358 -13.89 3.82 -8.43
C THR A 358 -12.40 3.43 -8.32
N SER A 359 -11.95 2.53 -9.19
CA SER A 359 -10.55 2.02 -9.26
C SER A 359 -10.06 2.19 -10.68
N VAL A 360 -8.76 2.14 -10.85
CA VAL A 360 -8.24 2.27 -12.17
C VAL A 360 -8.57 1.00 -12.96
N TRP A 361 -8.49 1.09 -14.27
CA TRP A 361 -8.78 -0.07 -15.09
C TRP A 361 -7.40 -0.53 -15.58
N GLU A 362 -7.35 -1.32 -16.64
CA GLU A 362 -6.06 -1.75 -17.20
C GLU A 362 -5.25 -0.56 -17.68
N ARG A 363 -5.93 0.42 -18.27
CA ARG A 363 -5.30 1.63 -18.79
C ARG A 363 -6.21 2.79 -18.46
N CYS A 364 -5.65 3.98 -18.44
CA CYS A 364 -6.42 5.14 -18.09
C CYS A 364 -7.08 5.82 -19.24
N CYS A 365 -6.39 5.74 -20.37
CA CYS A 365 -6.72 6.55 -21.50
C CYS A 365 -6.91 5.94 -22.84
N ALA A 366 -7.56 6.71 -23.70
CA ALA A 366 -7.86 6.30 -25.05
C ALA A 366 -8.39 7.49 -25.82
N LYS A 367 -8.36 7.41 -27.14
CA LYS A 367 -8.88 8.50 -27.95
C LYS A 367 -9.65 8.00 -29.17
N THR A 368 -10.63 8.81 -29.60
CA THR A 368 -11.42 8.46 -30.77
C THR A 368 -10.66 8.80 -32.05
N GLU A 369 -11.22 8.28 -33.12
CA GLU A 369 -10.75 8.47 -34.48
C GLU A 369 -10.44 9.96 -34.81
N ASP A 370 -11.31 10.85 -34.34
CA ASP A 370 -11.12 12.28 -34.56
C ASP A 370 -10.73 12.93 -33.23
N GLY A 371 -10.01 12.11 -32.47
CA GLY A 371 -9.43 12.50 -31.19
C GLY A 371 -10.14 13.15 -30.04
N THR A 372 -11.29 12.63 -29.65
CA THR A 372 -11.93 13.19 -28.47
C THR A 372 -11.19 12.28 -27.49
N GLU A 373 -10.82 12.85 -26.35
CA GLU A 373 -10.08 12.07 -25.39
C GLU A 373 -11.06 11.30 -24.51
N ILE A 374 -10.61 10.11 -24.18
CA ILE A 374 -11.39 9.19 -23.37
C ILE A 374 -10.66 8.72 -22.11
N ARG A 375 -11.37 8.69 -20.99
CA ARG A 375 -10.83 8.23 -19.72
C ARG A 375 -11.61 6.99 -19.17
N PHE A 376 -10.93 6.06 -18.52
CA PHE A 376 -11.61 4.90 -17.91
C PHE A 376 -11.59 4.80 -16.35
N THR A 377 -12.68 4.29 -15.77
CA THR A 377 -12.69 3.99 -14.33
C THR A 377 -13.43 2.67 -14.20
N ARG A 378 -13.17 1.98 -13.10
CA ARG A 378 -13.70 0.65 -12.82
C ARG A 378 -14.54 0.60 -11.54
N LYS A 379 -15.33 -0.45 -11.45
CA LYS A 379 -16.16 -0.71 -10.29
C LYS A 379 -16.49 -2.19 -10.46
N CYS A 380 -15.55 -3.03 -10.04
CA CYS A 380 -15.70 -4.46 -10.13
C CYS A 380 -15.68 -4.81 -11.59
N ASN A 381 -16.78 -5.31 -12.11
CA ASN A 381 -16.90 -5.71 -13.51
C ASN A 381 -17.43 -4.59 -14.41
N ARG A 382 -17.86 -3.47 -13.83
CA ARG A 382 -18.39 -2.35 -14.61
C ARG A 382 -17.31 -1.34 -15.00
N ILE A 383 -17.14 -1.13 -16.29
CA ILE A 383 -16.14 -0.22 -16.80
C ILE A 383 -16.72 1.08 -17.30
N PHE A 384 -16.53 2.19 -16.57
CA PHE A 384 -17.08 3.44 -17.05
C PHE A 384 -16.19 3.98 -18.15
N VAL A 385 -16.80 4.44 -19.24
CA VAL A 385 -16.06 5.02 -20.35
C VAL A 385 -16.51 6.46 -20.46
N ILE A 386 -15.60 7.38 -20.11
CA ILE A 386 -15.87 8.83 -20.11
C ILE A 386 -15.10 9.60 -21.21
N PHE A 387 -15.89 10.28 -22.07
CA PHE A 387 -15.43 11.09 -23.20
C PHE A 387 -15.33 12.50 -22.67
N LEU A 388 -14.21 13.17 -22.95
CA LEU A 388 -14.05 14.51 -22.44
C LEU A 388 -14.71 15.34 -23.52
N GLY A 389 -16.03 15.45 -23.38
CA GLY A 389 -16.82 16.16 -24.36
C GLY A 389 -17.81 15.20 -24.97
N ILE A 390 -18.72 15.74 -25.77
CA ILE A 390 -19.77 14.92 -26.39
C ILE A 390 -19.69 14.91 -27.88
N PRO A 391 -19.36 13.74 -28.46
CA PRO A 391 -19.23 13.52 -29.91
C PRO A 391 -20.48 13.99 -30.69
N THR A 392 -20.31 14.49 -31.91
CA THR A 392 -21.46 14.93 -32.71
C THR A 392 -22.05 13.75 -33.46
N GLY A 393 -21.19 13.03 -34.17
CA GLY A 393 -21.63 11.87 -34.93
C GLY A 393 -22.28 10.88 -33.99
N GLU A 394 -22.87 9.82 -34.51
CA GLU A 394 -23.48 8.82 -33.67
C GLU A 394 -22.58 7.62 -33.74
N LYS A 395 -21.89 7.51 -34.85
CA LYS A 395 -20.96 6.42 -35.04
C LYS A 395 -19.76 6.89 -34.25
N ILE A 396 -19.20 6.03 -33.43
CA ILE A 396 -18.07 6.50 -32.69
C ILE A 396 -16.92 5.51 -32.85
N VAL A 397 -15.70 6.00 -33.10
CA VAL A 397 -14.58 5.07 -33.22
C VAL A 397 -13.48 5.33 -32.19
N ILE A 398 -13.33 4.38 -31.27
CA ILE A 398 -12.33 4.43 -30.21
C ILE A 398 -11.09 3.73 -30.77
N GLU A 399 -9.98 4.46 -30.90
CA GLU A 399 -8.76 3.86 -31.42
C GLU A 399 -8.10 2.85 -30.46
N ASP A 400 -7.46 1.81 -30.99
CA ASP A 400 -6.76 0.79 -30.17
C ASP A 400 -7.50 0.32 -28.91
N LEU A 401 -8.51 -0.53 -29.09
CA LEU A 401 -9.30 -1.03 -27.97
C LEU A 401 -10.31 -2.04 -28.48
N ASN A 402 -10.40 -3.17 -27.80
CA ASN A 402 -11.36 -4.22 -28.14
C ASN A 402 -12.08 -4.53 -26.82
N LEU A 403 -13.40 -4.51 -26.80
CA LEU A 403 -14.06 -4.85 -25.54
C LEU A 403 -14.33 -6.32 -25.58
N SER A 404 -14.06 -6.99 -24.47
CA SER A 404 -14.29 -8.43 -24.35
C SER A 404 -15.71 -8.56 -23.80
N ALA A 405 -16.12 -7.53 -23.07
CA ALA A 405 -17.44 -7.49 -22.48
C ALA A 405 -18.58 -7.83 -23.47
N GLY A 406 -19.66 -8.36 -22.91
CA GLY A 406 -20.81 -8.68 -23.72
C GLY A 406 -21.69 -7.45 -23.99
N THR A 407 -21.98 -6.66 -22.94
CA THR A 407 -22.86 -5.47 -23.06
C THR A 407 -22.39 -4.04 -22.69
N VAL A 408 -22.49 -3.10 -23.64
CA VAL A 408 -22.15 -1.68 -23.44
C VAL A 408 -23.49 -0.92 -23.24
N ARG A 409 -23.56 0.01 -22.30
CA ARG A 409 -24.80 0.73 -22.02
C ARG A 409 -24.54 2.17 -21.94
N HIS A 410 -25.53 3.01 -22.24
CA HIS A 410 -25.36 4.45 -22.19
C HIS A 410 -25.61 4.74 -20.73
N PHE A 411 -24.60 5.22 -20.04
CA PHE A 411 -24.70 5.44 -18.62
C PHE A 411 -25.85 6.22 -18.09
N LEU A 412 -26.16 7.37 -18.69
CA LEU A 412 -27.24 8.14 -18.12
C LEU A 412 -28.67 7.55 -18.29
N THR A 413 -28.89 6.81 -19.37
CA THR A 413 -30.24 6.27 -19.61
C THR A 413 -30.36 4.78 -19.28
N GLY A 414 -29.28 4.05 -19.52
CA GLY A 414 -29.27 2.63 -19.25
C GLY A 414 -29.27 1.90 -20.58
N GLU A 415 -29.82 2.58 -21.58
CA GLU A 415 -29.97 2.06 -22.92
C GLU A 415 -28.86 1.26 -23.50
N ARG A 416 -29.13 -0.02 -23.72
CA ARG A 416 -28.16 -0.91 -24.31
C ARG A 416 -27.73 -0.22 -25.62
N LEU A 417 -26.53 -0.51 -26.11
CA LEU A 417 -26.02 0.09 -27.33
C LEU A 417 -25.33 -1.00 -28.15
N SER A 418 -25.25 -0.73 -29.45
CA SER A 418 -24.69 -1.61 -30.45
C SER A 418 -23.23 -1.27 -30.63
N PHE A 419 -22.39 -2.30 -30.56
CA PHE A 419 -20.94 -2.12 -30.68
C PHE A 419 -20.31 -3.40 -31.18
N LYS A 420 -19.14 -3.25 -31.80
CA LYS A 420 -18.38 -4.39 -32.30
C LYS A 420 -16.91 -4.03 -32.44
N ASN A 421 -16.09 -5.05 -32.19
CA ASN A 421 -14.65 -4.93 -32.29
C ASN A 421 -14.36 -4.94 -33.78
N VAL A 422 -14.11 -3.76 -34.32
CA VAL A 422 -13.78 -3.56 -35.74
C VAL A 422 -12.26 -3.43 -35.89
N GLY A 423 -11.58 -4.57 -35.95
CA GLY A 423 -10.12 -4.56 -36.05
C GLY A 423 -9.45 -4.31 -34.72
N LYS A 424 -8.56 -3.32 -34.67
CA LYS A 424 -7.83 -2.94 -33.45
C LYS A 424 -8.63 -1.86 -32.72
N ASN A 425 -9.82 -1.58 -33.23
CA ASN A 425 -10.68 -0.54 -32.67
C ASN A 425 -12.02 -1.08 -32.30
N LEU A 426 -12.86 -0.20 -31.77
CA LEU A 426 -14.19 -0.54 -31.32
C LEU A 426 -15.15 0.53 -31.75
N GLU A 427 -16.19 0.13 -32.48
CA GLU A 427 -17.15 1.12 -32.91
C GLU A 427 -18.44 0.94 -32.15
N ILE A 428 -19.05 2.05 -31.79
CA ILE A 428 -20.27 2.04 -31.03
C ILE A 428 -21.19 3.07 -31.68
N THR A 429 -22.49 2.92 -31.48
CA THR A 429 -23.47 3.82 -32.08
C THR A 429 -24.29 4.50 -30.98
N VAL A 430 -24.17 5.81 -30.87
CA VAL A 430 -24.93 6.43 -29.84
C VAL A 430 -25.98 7.35 -30.46
N PRO A 431 -27.25 7.01 -30.31
CA PRO A 431 -28.37 7.77 -30.84
C PRO A 431 -28.32 9.16 -30.31
N LYS A 432 -28.45 10.12 -31.19
CA LYS A 432 -28.43 11.50 -30.78
C LYS A 432 -29.43 11.82 -29.62
N LYS A 433 -30.48 11.02 -29.44
CA LYS A 433 -31.38 11.39 -28.38
C LYS A 433 -30.60 11.26 -27.09
N LEU A 434 -29.75 10.24 -27.02
CA LEU A 434 -28.90 10.01 -25.83
C LEU A 434 -27.79 11.08 -25.77
N LEU A 435 -26.99 11.17 -26.84
CA LEU A 435 -25.92 12.16 -26.89
C LEU A 435 -26.51 13.49 -26.45
N GLU A 436 -27.76 13.76 -26.80
CA GLU A 436 -28.33 15.02 -26.42
C GLU A 436 -28.65 15.11 -24.96
N THR A 437 -28.65 13.98 -24.25
CA THR A 437 -28.95 14.03 -22.82
C THR A 437 -27.74 14.25 -21.92
N ASP A 438 -26.59 13.77 -22.37
CA ASP A 438 -25.42 13.98 -21.57
C ASP A 438 -25.09 15.46 -21.46
N SER A 439 -24.40 15.80 -20.38
CA SER A 439 -23.90 17.15 -20.04
C SER A 439 -22.34 17.05 -19.94
N ILE A 440 -21.64 17.89 -20.69
CA ILE A 440 -20.16 17.93 -20.72
C ILE A 440 -19.43 16.65 -21.08
N THR A 441 -19.92 15.50 -20.66
CA THR A 441 -19.21 14.26 -20.99
C THR A 441 -20.13 13.10 -21.40
N LEU A 442 -19.83 12.47 -22.54
CA LEU A 442 -20.62 11.32 -22.97
C LEU A 442 -20.11 10.21 -22.11
N VAL A 443 -20.94 9.61 -21.27
CA VAL A 443 -20.46 8.49 -20.41
C VAL A 443 -21.06 7.14 -20.78
N LEU A 444 -20.21 6.19 -21.13
CA LEU A 444 -20.68 4.84 -21.45
C LEU A 444 -20.35 3.90 -20.27
N GLU A 445 -21.02 2.75 -20.21
CA GLU A 445 -20.83 1.78 -19.14
C GLU A 445 -20.67 0.40 -19.74
N ALA A 446 -19.50 -0.22 -19.63
CA ALA A 446 -19.29 -1.57 -20.18
C ALA A 446 -19.23 -2.63 -19.09
N VAL A 447 -19.78 -3.79 -19.36
CA VAL A 447 -19.83 -4.86 -18.40
C VAL A 447 -19.23 -6.06 -19.07
N GLU A 448 -18.03 -6.47 -18.64
CA GLU A 448 -17.39 -7.63 -19.25
C GLU A 448 -17.61 -8.93 -18.47
N ARG B 7 11.08 5.51 -12.80
CA ARG B 7 12.26 4.94 -12.10
C ARG B 7 12.18 5.06 -10.57
N TYR B 8 12.64 4.06 -9.81
CA TYR B 8 12.67 4.24 -8.37
C TYR B 8 14.06 4.86 -8.06
N LYS B 9 14.17 5.63 -6.99
CA LYS B 9 15.46 6.21 -6.62
C LYS B 9 15.95 5.52 -5.41
N PRO B 10 17.26 5.54 -5.20
CA PRO B 10 17.79 4.86 -4.02
C PRO B 10 17.49 5.55 -2.68
N ASP B 11 16.24 5.68 -2.31
CA ASP B 11 15.99 6.18 -0.99
C ASP B 11 14.66 5.65 -0.51
N TRP B 12 14.57 5.44 0.80
CA TRP B 12 13.36 4.90 1.39
C TRP B 12 12.08 5.63 0.95
N GLU B 13 12.09 6.97 0.92
CA GLU B 13 10.91 7.76 0.53
C GLU B 13 10.45 7.38 -0.89
N SER B 14 11.38 7.33 -1.82
CA SER B 14 10.99 6.97 -3.15
C SER B 14 10.58 5.49 -3.30
N LEU B 15 11.28 4.57 -2.63
CA LEU B 15 10.94 3.14 -2.72
C LEU B 15 9.60 2.88 -2.12
N ARG B 16 9.09 3.80 -1.29
CA ARG B 16 7.77 3.61 -0.66
C ARG B 16 6.75 3.48 -1.79
N GLU B 17 7.05 4.09 -2.94
CA GLU B 17 6.20 4.03 -4.14
C GLU B 17 5.91 2.63 -4.59
N HIS B 18 6.81 1.70 -4.28
CA HIS B 18 6.59 0.33 -4.68
C HIS B 18 5.81 -0.48 -3.66
N THR B 19 4.58 -0.82 -4.01
CA THR B 19 3.77 -1.62 -3.11
C THR B 19 3.79 -3.06 -3.57
N VAL B 20 3.24 -3.97 -2.76
CA VAL B 20 3.27 -5.38 -3.11
C VAL B 20 2.52 -5.61 -4.40
N PRO B 21 3.16 -6.31 -5.36
CA PRO B 21 2.60 -6.64 -6.68
C PRO B 21 1.26 -7.37 -6.55
N LYS B 22 0.36 -7.06 -7.47
CA LYS B 22 -0.99 -7.65 -7.52
C LYS B 22 -0.96 -9.19 -7.57
N TRP B 23 0.01 -9.74 -8.30
CA TRP B 23 0.09 -11.17 -8.43
C TRP B 23 0.34 -11.84 -7.12
N PHE B 24 1.17 -11.23 -6.30
CA PHE B 24 1.53 -11.80 -5.00
C PHE B 24 0.32 -11.68 -4.07
N ASP B 25 -0.33 -10.52 -4.05
CA ASP B 25 -1.52 -10.33 -3.24
C ASP B 25 -2.57 -11.40 -3.62
N LYS B 26 -2.72 -11.69 -4.89
CA LYS B 26 -3.70 -12.67 -5.31
C LYS B 26 -3.24 -14.12 -5.26
N ALA B 27 -1.94 -14.39 -5.16
CA ALA B 27 -1.54 -15.79 -5.25
C ALA B 27 -2.01 -16.69 -4.12
N LYS B 28 -1.94 -16.16 -2.90
CA LYS B 28 -2.39 -16.86 -1.70
C LYS B 28 -1.64 -18.06 -1.26
N PHE B 29 -1.08 -18.81 -2.20
CA PHE B 29 -0.39 -20.01 -1.77
C PHE B 29 0.93 -20.26 -2.47
N GLY B 30 1.99 -20.42 -1.68
CA GLY B 30 3.31 -20.64 -2.22
C GLY B 30 4.12 -21.74 -1.55
N ILE B 31 5.04 -22.33 -2.30
CA ILE B 31 5.87 -23.37 -1.76
C ILE B 31 7.32 -22.86 -1.41
N PHE B 32 7.72 -23.11 -0.15
CA PHE B 32 9.05 -22.81 0.36
C PHE B 32 9.77 -24.16 0.27
N ILE B 33 11.08 -24.11 0.03
CA ILE B 33 11.87 -25.32 -0.07
C ILE B 33 13.19 -25.15 0.65
N HIS B 34 13.34 -25.81 1.76
CA HIS B 34 14.61 -25.77 2.47
C HIS B 34 15.35 -26.99 2.00
N TRP B 35 16.39 -26.81 1.23
CA TRP B 35 17.09 -27.96 0.68
C TRP B 35 18.56 -27.62 0.70
N GLY B 36 19.35 -28.43 1.38
CA GLY B 36 20.79 -28.20 1.44
C GLY B 36 21.60 -29.39 1.94
N ILE B 37 22.90 -29.18 2.14
CA ILE B 37 23.72 -30.29 2.60
C ILE B 37 23.22 -30.81 3.91
N TYR B 38 22.52 -29.99 4.67
CA TYR B 38 21.95 -30.46 5.93
C TYR B 38 20.87 -31.49 5.62
N SER B 39 20.41 -31.47 4.39
CA SER B 39 19.38 -32.41 4.01
C SER B 39 19.93 -33.85 4.08
N VAL B 40 21.27 -33.98 3.99
CA VAL B 40 21.84 -35.29 4.02
C VAL B 40 21.70 -35.90 5.41
N PRO B 41 22.30 -35.30 6.41
CA PRO B 41 22.05 -36.03 7.66
C PRO B 41 20.56 -36.04 7.91
N GLY B 42 19.84 -35.08 7.35
CA GLY B 42 18.40 -34.98 7.55
C GLY B 42 17.89 -35.49 8.90
N TRP B 43 18.44 -34.96 10.01
CA TRP B 43 18.09 -35.36 11.39
C TRP B 43 17.91 -34.19 12.36
N ALA B 44 16.93 -34.31 13.27
CA ALA B 44 16.65 -33.31 14.28
C ALA B 44 15.67 -33.90 15.28
N THR B 45 15.79 -33.47 16.53
CA THR B 45 14.85 -33.93 17.56
C THR B 45 13.54 -33.13 17.38
N PRO B 46 12.40 -33.82 17.19
CA PRO B 46 11.08 -33.19 16.99
C PRO B 46 10.50 -32.57 18.30
N THR B 47 11.21 -31.60 18.85
CA THR B 47 10.81 -30.98 20.10
C THR B 47 9.45 -30.31 20.08
N GLY B 48 9.16 -29.51 19.06
CA GLY B 48 7.86 -28.84 19.04
C GLY B 48 7.77 -27.65 18.11
N GLU B 49 6.89 -26.71 18.44
CA GLU B 49 6.68 -25.54 17.58
C GLU B 49 7.25 -24.22 18.10
N LEU B 50 7.78 -23.41 17.18
CA LEU B 50 8.37 -22.13 17.57
C LEU B 50 7.24 -21.30 18.17
N GLY B 51 7.47 -20.82 19.39
CA GLY B 51 6.46 -20.06 20.08
C GLY B 51 6.00 -20.89 21.27
N LYS B 52 6.25 -22.20 21.25
CA LYS B 52 5.86 -23.13 22.34
C LYS B 52 7.00 -23.85 23.06
N VAL B 53 8.21 -23.82 22.49
CA VAL B 53 9.36 -24.46 23.13
C VAL B 53 10.14 -23.34 23.79
N PRO B 54 10.34 -23.43 25.12
CA PRO B 54 11.10 -22.39 25.82
C PRO B 54 12.51 -22.26 25.20
N MET B 55 12.80 -21.03 24.79
CA MET B 55 14.04 -20.65 24.13
C MET B 55 15.34 -20.92 24.94
N ASP B 56 15.15 -21.23 26.23
CA ASP B 56 16.24 -21.56 27.14
C ASP B 56 16.79 -22.94 26.82
N ALA B 57 15.98 -23.75 26.14
CA ALA B 57 16.40 -25.07 25.77
C ALA B 57 16.46 -25.25 24.26
N TRP B 58 15.58 -24.52 23.56
CA TRP B 58 15.42 -24.52 22.10
C TRP B 58 16.65 -24.86 21.28
N PHE B 59 17.71 -24.06 21.33
CA PHE B 59 18.89 -24.38 20.52
C PHE B 59 19.64 -25.66 20.91
N PHE B 60 19.36 -26.27 22.08
CA PHE B 60 20.04 -27.50 22.47
C PHE B 60 19.20 -28.70 22.09
N GLN B 61 17.94 -28.43 21.71
CA GLN B 61 16.98 -29.46 21.26
C GLN B 61 16.36 -28.91 19.99
N ASN B 62 17.19 -28.32 19.15
CA ASN B 62 16.67 -27.73 17.95
C ASN B 62 15.89 -28.72 17.09
N PRO B 63 14.61 -28.43 16.81
CA PRO B 63 13.75 -29.28 15.99
C PRO B 63 13.85 -28.91 14.50
N TYR B 64 14.52 -27.81 14.19
CA TYR B 64 14.71 -27.38 12.80
C TYR B 64 15.93 -28.09 12.31
N ALA B 65 15.77 -29.06 11.41
CA ALA B 65 16.93 -29.81 10.92
C ALA B 65 17.90 -29.01 10.10
N GLU B 66 17.48 -27.92 9.42
CA GLU B 66 18.48 -27.10 8.70
C GLU B 66 19.50 -26.50 9.70
N TRP B 67 19.22 -26.52 11.00
CA TRP B 67 20.16 -25.97 11.99
C TRP B 67 21.16 -27.00 12.47
N TYR B 68 21.33 -28.08 11.71
CA TYR B 68 22.24 -29.17 12.09
C TYR B 68 23.65 -28.71 12.49
N GLU B 69 24.31 -27.90 11.66
CA GLU B 69 25.66 -27.44 12.00
C GLU B 69 25.64 -26.65 13.32
N ASN B 70 24.65 -25.79 13.52
CA ASN B 70 24.62 -25.07 14.80
C ASN B 70 24.52 -26.11 15.93
N SER B 71 23.55 -27.00 15.79
CA SER B 71 23.40 -28.04 16.76
C SER B 71 24.73 -28.84 16.96
N LEU B 72 25.37 -29.26 15.87
CA LEU B 72 26.59 -30.04 15.97
C LEU B 72 27.70 -29.32 16.71
N ARG B 73 27.71 -28.00 16.58
CA ARG B 73 28.70 -27.20 17.24
C ARG B 73 28.55 -27.16 18.78
N ILE B 74 27.41 -27.62 19.28
CA ILE B 74 27.19 -27.70 20.73
C ILE B 74 27.49 -29.16 21.16
N LYS B 75 28.65 -29.37 21.79
CA LYS B 75 29.04 -30.73 22.23
C LYS B 75 28.02 -31.26 23.22
N GLU B 76 27.72 -32.55 23.16
CA GLU B 76 26.77 -33.11 24.11
C GLU B 76 25.46 -32.32 23.89
N SER B 77 24.83 -32.67 22.78
CA SER B 77 23.56 -32.06 22.41
C SER B 77 22.99 -33.25 21.60
N PRO B 78 21.67 -33.43 21.65
CA PRO B 78 21.28 -34.59 20.85
C PRO B 78 21.97 -34.72 19.51
N THR B 79 22.05 -33.63 18.76
CA THR B 79 22.69 -33.73 17.45
C THR B 79 24.18 -34.13 17.51
N TRP B 80 24.91 -33.63 18.50
CA TRP B 80 26.30 -33.97 18.58
C TRP B 80 26.42 -35.50 18.77
N GLU B 81 25.69 -36.05 19.74
CA GLU B 81 25.74 -37.49 19.99
C GLU B 81 25.39 -38.25 18.72
N TYR B 82 24.25 -37.89 18.13
CA TYR B 82 23.81 -38.53 16.91
C TYR B 82 24.86 -38.52 15.81
N HIS B 83 25.55 -37.39 15.67
CA HIS B 83 26.55 -37.28 14.64
C HIS B 83 27.73 -38.21 14.87
N VAL B 84 28.28 -38.13 16.07
CA VAL B 84 29.43 -38.92 16.46
C VAL B 84 29.17 -40.38 16.29
N LYS B 85 27.99 -40.80 16.70
CA LYS B 85 27.62 -42.20 16.56
C LYS B 85 27.42 -42.62 15.09
N THR B 86 26.70 -41.81 14.29
CA THR B 86 26.43 -42.14 12.89
C THR B 86 27.54 -41.86 11.91
N TYR B 87 28.26 -40.78 12.10
CA TYR B 87 29.26 -40.41 11.13
C TYR B 87 30.65 -40.38 11.64
N GLY B 88 30.79 -40.05 12.92
CA GLY B 88 32.09 -40.00 13.54
C GLY B 88 32.51 -38.60 13.88
N GLU B 89 33.53 -38.47 14.72
CA GLU B 89 34.05 -37.18 15.15
C GLU B 89 34.89 -36.49 14.10
N ASN B 90 35.60 -37.30 13.32
CA ASN B 90 36.49 -36.87 12.26
C ASN B 90 35.64 -36.40 11.07
N PHE B 91 34.34 -36.41 11.22
CA PHE B 91 33.50 -36.04 10.11
C PHE B 91 32.97 -34.62 10.26
N GLU B 92 33.55 -33.65 9.57
CA GLU B 92 33.11 -32.24 9.65
C GLU B 92 31.81 -32.05 8.90
N TYR B 93 31.02 -31.08 9.33
CA TYR B 93 29.78 -30.75 8.64
C TYR B 93 29.94 -30.43 7.12
N GLU B 94 30.94 -29.64 6.75
CA GLU B 94 31.14 -29.29 5.34
C GLU B 94 31.32 -30.54 4.47
N LYS B 95 31.74 -31.64 5.07
CA LYS B 95 31.94 -32.89 4.35
C LYS B 95 30.61 -33.35 3.73
N PHE B 96 29.49 -32.84 4.23
CA PHE B 96 28.19 -33.19 3.66
C PHE B 96 27.96 -32.59 2.28
N ALA B 97 28.68 -31.54 1.92
CA ALA B 97 28.54 -30.96 0.59
C ALA B 97 28.89 -32.00 -0.49
N ASP B 98 29.73 -32.95 -0.13
CA ASP B 98 30.14 -33.95 -1.07
C ASP B 98 29.21 -35.12 -1.10
N LEU B 99 28.42 -35.30 -0.05
CA LEU B 99 27.47 -36.39 -0.04
C LEU B 99 26.13 -35.93 -0.60
N PHE B 100 26.00 -34.61 -0.81
CA PHE B 100 24.77 -34.05 -1.33
C PHE B 100 24.78 -34.10 -2.85
N THR B 101 24.42 -35.27 -3.35
CA THR B 101 24.48 -35.51 -4.77
C THR B 101 23.25 -35.39 -5.62
N ALA B 102 22.08 -35.16 -5.00
CA ALA B 102 20.80 -34.96 -5.73
C ALA B 102 20.67 -35.92 -6.91
N GLU B 103 21.07 -37.16 -6.68
CA GLU B 103 21.08 -38.20 -7.69
C GLU B 103 19.73 -38.39 -8.36
N LYS B 104 18.67 -38.28 -7.59
CA LYS B 104 17.37 -38.50 -8.20
C LYS B 104 16.55 -37.26 -8.38
N TRP B 105 17.20 -36.10 -8.44
CA TRP B 105 16.48 -34.88 -8.61
C TRP B 105 15.95 -34.62 -10.03
N ASP B 106 14.64 -34.34 -10.14
CA ASP B 106 14.02 -33.96 -11.42
C ASP B 106 13.28 -32.63 -11.18
N PRO B 107 13.91 -31.51 -11.52
CA PRO B 107 13.22 -30.24 -11.29
C PRO B 107 11.84 -30.14 -11.87
N GLN B 108 11.62 -30.72 -13.04
CA GLN B 108 10.28 -30.62 -13.61
C GLN B 108 9.26 -31.40 -12.83
N GLU B 109 9.65 -32.52 -12.22
CA GLU B 109 8.67 -33.25 -11.41
C GLU B 109 8.23 -32.40 -10.22
N TRP B 110 9.18 -31.65 -9.64
CA TRP B 110 8.92 -30.74 -8.53
C TRP B 110 7.93 -29.69 -8.92
N ALA B 111 8.19 -29.04 -10.04
CA ALA B 111 7.28 -28.00 -10.49
C ALA B 111 5.91 -28.57 -10.86
N ASP B 112 5.87 -29.78 -11.40
CA ASP B 112 4.60 -30.39 -11.71
C ASP B 112 3.92 -30.55 -10.38
N LEU B 113 4.66 -31.12 -9.43
CA LEU B 113 4.15 -31.37 -8.12
C LEU B 113 3.59 -30.11 -7.46
N PHE B 114 4.35 -29.02 -7.50
CA PHE B 114 3.94 -27.78 -6.83
C PHE B 114 2.72 -27.19 -7.48
N LYS B 115 2.60 -27.40 -8.80
CA LYS B 115 1.44 -26.93 -9.54
C LYS B 115 0.16 -27.73 -9.13
N LYS B 116 0.30 -29.04 -9.03
CA LYS B 116 -0.84 -29.85 -8.64
C LYS B 116 -1.32 -29.45 -7.26
N ALA B 117 -0.37 -29.22 -6.35
CA ALA B 117 -0.71 -28.85 -4.98
C ALA B 117 -1.37 -27.46 -4.86
N GLY B 118 -1.26 -26.62 -5.90
CA GLY B 118 -1.95 -25.34 -5.84
C GLY B 118 -1.06 -24.14 -5.64
N ALA B 119 0.22 -24.33 -5.34
CA ALA B 119 1.16 -23.23 -5.16
C ALA B 119 1.19 -22.37 -6.41
N LYS B 120 1.23 -21.05 -6.24
CA LYS B 120 1.29 -20.19 -7.41
C LYS B 120 2.68 -19.60 -7.57
N TYR B 121 3.55 -19.88 -6.59
CA TYR B 121 4.94 -19.42 -6.60
C TYR B 121 5.78 -20.35 -5.76
N VAL B 122 7.05 -20.40 -6.08
CA VAL B 122 7.98 -21.26 -5.37
C VAL B 122 9.24 -20.47 -4.98
N ILE B 123 9.79 -20.79 -3.81
CA ILE B 123 10.98 -20.10 -3.28
C ILE B 123 11.90 -21.08 -2.56
N PRO B 124 13.02 -21.46 -3.18
CA PRO B 124 14.03 -22.38 -2.63
C PRO B 124 15.06 -21.58 -1.86
N THR B 125 15.71 -22.21 -0.89
CA THR B 125 16.75 -21.54 -0.10
C THR B 125 18.01 -21.50 -1.02
N THR B 126 18.47 -20.32 -1.44
CA THR B 126 19.65 -20.29 -2.27
C THR B 126 20.90 -20.41 -1.42
N LYS B 127 20.78 -20.06 -0.13
CA LYS B 127 21.86 -20.11 0.87
C LYS B 127 21.28 -19.98 2.25
N HIS B 128 21.49 -21.00 3.07
CA HIS B 128 20.93 -20.96 4.39
C HIS B 128 22.02 -20.59 5.34
N HIS B 129 21.74 -20.58 6.65
CA HIS B 129 22.78 -20.20 7.62
C HIS B 129 24.13 -20.87 7.50
N ASP B 130 24.20 -22.12 6.99
CA ASP B 130 25.48 -22.83 6.84
C ASP B 130 26.31 -22.24 5.67
N GLY B 131 25.72 -21.28 4.96
CA GLY B 131 26.40 -20.59 3.87
C GLY B 131 26.70 -21.35 2.60
N PHE B 132 26.17 -22.56 2.47
CA PHE B 132 26.40 -23.34 1.27
C PHE B 132 25.45 -22.75 0.19
N CYS B 133 25.98 -22.46 -1.01
CA CYS B 133 25.12 -21.87 -2.06
C CYS B 133 24.63 -22.84 -3.13
N LEU B 134 23.32 -22.85 -3.42
CA LEU B 134 22.81 -23.78 -4.39
C LEU B 134 22.73 -23.25 -5.85
N TRP B 135 23.72 -22.44 -6.24
CA TRP B 135 23.83 -21.90 -7.59
C TRP B 135 25.31 -21.65 -7.81
N GLY B 136 25.76 -21.49 -9.04
CA GLY B 136 27.19 -21.35 -9.20
C GLY B 136 27.69 -19.96 -8.90
N THR B 137 27.58 -19.50 -7.66
CA THR B 137 28.03 -18.16 -7.30
C THR B 137 29.52 -17.96 -7.61
N LYS B 138 29.92 -16.72 -7.88
CA LYS B 138 31.31 -16.55 -8.16
C LYS B 138 32.02 -15.93 -6.95
N TYR B 139 31.37 -15.98 -5.81
CA TYR B 139 31.98 -15.34 -4.67
C TYR B 139 32.37 -16.35 -3.65
N THR B 140 31.96 -17.59 -3.89
CA THR B 140 32.40 -18.67 -3.02
C THR B 140 32.52 -20.01 -3.75
N ASP B 141 33.41 -20.86 -3.23
CA ASP B 141 33.58 -22.18 -3.78
C ASP B 141 32.71 -23.23 -3.12
N PHE B 142 32.05 -22.83 -2.05
CA PHE B 142 31.16 -23.71 -1.31
C PHE B 142 29.78 -23.66 -2.00
N ASN B 143 29.66 -24.26 -3.16
CA ASN B 143 28.39 -24.17 -3.82
C ASN B 143 28.07 -25.44 -4.55
N SER B 144 26.81 -25.60 -4.97
CA SER B 144 26.37 -26.80 -5.63
C SER B 144 26.98 -27.09 -7.00
N VAL B 145 27.67 -26.13 -7.62
CA VAL B 145 28.28 -26.36 -8.93
C VAL B 145 29.64 -27.02 -8.75
N LYS B 146 30.35 -26.62 -7.69
CA LYS B 146 31.67 -27.14 -7.36
C LYS B 146 31.72 -28.34 -6.44
N ARG B 147 30.71 -28.54 -5.63
CA ARG B 147 30.73 -29.67 -4.72
C ARG B 147 29.53 -30.52 -5.07
N GLY B 148 29.16 -31.44 -4.20
CA GLY B 148 28.00 -32.27 -4.44
C GLY B 148 27.33 -32.49 -5.79
N PRO B 149 26.16 -31.86 -6.05
CA PRO B 149 25.31 -31.92 -7.24
C PRO B 149 25.91 -31.63 -8.60
N LYS B 150 26.99 -30.83 -8.63
CA LYS B 150 27.66 -30.40 -9.85
C LYS B 150 26.57 -29.86 -10.71
N ARG B 151 25.73 -29.03 -10.13
CA ARG B 151 24.62 -28.51 -10.87
C ARG B 151 24.16 -27.16 -10.30
N ASP B 152 23.59 -26.29 -11.12
CA ASP B 152 23.07 -25.00 -10.67
C ASP B 152 21.60 -25.28 -10.24
N LEU B 153 21.43 -25.70 -8.99
CA LEU B 153 20.09 -26.04 -8.50
C LEU B 153 19.13 -24.88 -8.62
N VAL B 154 19.50 -23.72 -8.12
CA VAL B 154 18.61 -22.59 -8.21
C VAL B 154 18.14 -22.32 -9.67
N GLY B 155 19.10 -22.16 -10.59
CA GLY B 155 18.72 -21.86 -11.96
C GLY B 155 17.89 -22.94 -12.65
N ASP B 156 18.29 -24.18 -12.46
CA ASP B 156 17.58 -25.27 -13.04
C ASP B 156 16.21 -25.31 -12.44
N LEU B 157 16.06 -24.99 -11.16
CA LEU B 157 14.72 -25.02 -10.61
C LEU B 157 13.87 -23.84 -11.09
N ALA B 158 14.52 -22.71 -11.35
CA ALA B 158 13.82 -21.52 -11.79
C ALA B 158 13.18 -21.73 -13.18
N LYS B 159 13.96 -22.36 -14.08
CA LYS B 159 13.57 -22.66 -15.46
C LYS B 159 12.30 -23.52 -15.41
N ALA B 160 12.36 -24.60 -14.64
CA ALA B 160 11.22 -25.49 -14.48
C ALA B 160 9.99 -24.84 -13.91
N VAL B 161 10.12 -24.15 -12.78
CA VAL B 161 8.96 -23.54 -12.15
C VAL B 161 8.35 -22.57 -13.12
N ARG B 162 9.20 -21.79 -13.78
CA ARG B 162 8.67 -20.81 -14.70
C ARG B 162 7.96 -21.47 -15.88
N GLU B 163 8.48 -22.57 -16.43
CA GLU B 163 7.78 -23.29 -17.50
C GLU B 163 6.42 -23.86 -17.02
N ALA B 164 6.30 -24.21 -15.74
CA ALA B 164 5.03 -24.66 -15.17
C ALA B 164 4.12 -23.45 -15.03
N GLY B 165 4.61 -22.28 -15.38
CA GLY B 165 3.80 -21.09 -15.25
C GLY B 165 3.70 -20.52 -13.85
N LEU B 166 4.56 -20.93 -12.92
CA LEU B 166 4.53 -20.41 -11.53
C LEU B 166 5.61 -19.33 -11.35
N ARG B 167 5.43 -18.45 -10.36
CA ARG B 167 6.39 -17.43 -10.09
C ARG B 167 7.55 -18.07 -9.29
N PHE B 168 8.73 -17.46 -9.43
CA PHE B 168 9.97 -17.91 -8.76
C PHE B 168 10.59 -16.84 -7.87
N GLY B 169 10.92 -17.21 -6.63
CA GLY B 169 11.57 -16.28 -5.72
C GLY B 169 12.76 -17.01 -5.13
N VAL B 170 13.51 -16.29 -4.30
CA VAL B 170 14.70 -16.85 -3.68
C VAL B 170 14.74 -16.45 -2.22
N TYR B 171 15.29 -17.38 -1.42
CA TYR B 171 15.47 -17.19 -0.02
C TYR B 171 16.97 -17.04 0.12
N TYR B 172 17.38 -16.10 0.95
CA TYR B 172 18.81 -15.89 1.15
C TYR B 172 19.06 -15.53 2.62
N SER B 173 19.92 -16.29 3.28
CA SER B 173 20.26 -16.02 4.66
C SER B 173 21.25 -14.88 4.82
N GLY B 174 20.74 -13.66 4.69
CA GLY B 174 21.58 -12.47 4.84
C GLY B 174 22.08 -12.27 6.25
N GLY B 175 21.24 -12.51 7.25
CA GLY B 175 21.69 -12.27 8.58
C GLY B 175 22.63 -13.27 9.26
N LEU B 176 22.68 -14.51 8.75
CA LEU B 176 23.53 -15.51 9.38
C LEU B 176 24.23 -16.24 8.30
N ASP B 177 25.49 -16.59 8.58
CA ASP B 177 26.34 -17.39 7.73
C ASP B 177 27.42 -17.99 8.61
N TRP B 178 27.24 -19.26 8.91
CA TRP B 178 28.17 -19.99 9.78
C TRP B 178 29.58 -20.22 9.21
N ARG B 179 29.79 -19.83 7.96
CA ARG B 179 31.09 -19.96 7.35
C ARG B 179 31.91 -18.81 7.91
N PHE B 180 31.25 -17.85 8.57
CA PHE B 180 32.00 -16.72 9.08
C PHE B 180 32.05 -16.65 10.59
N THR B 181 31.61 -17.70 11.28
CA THR B 181 31.63 -17.69 12.74
C THR B 181 32.03 -19.03 13.26
N THR B 182 32.42 -19.12 14.54
CA THR B 182 32.81 -20.43 15.06
C THR B 182 31.90 -20.90 16.18
N GLU B 183 31.56 -20.00 17.06
CA GLU B 183 30.73 -20.30 18.19
C GLU B 183 29.28 -20.49 17.71
N PRO B 184 28.57 -21.48 18.24
CA PRO B 184 27.20 -21.73 17.85
C PRO B 184 26.31 -20.83 18.71
N ILE B 185 25.04 -20.75 18.30
CA ILE B 185 24.04 -19.99 19.00
C ILE B 185 23.53 -20.96 20.04
N ARG B 186 23.58 -20.60 21.33
CA ARG B 186 23.06 -21.42 22.44
C ARG B 186 21.79 -20.81 23.01
N TYR B 187 21.70 -19.48 22.97
CA TYR B 187 20.54 -18.74 23.49
C TYR B 187 20.14 -17.60 22.57
N PRO B 188 18.87 -17.22 22.61
CA PRO B 188 18.51 -16.13 21.71
C PRO B 188 19.40 -14.88 21.77
N GLU B 189 19.86 -14.52 22.95
CA GLU B 189 20.73 -13.37 23.15
C GLU B 189 22.04 -13.47 22.34
N ASP B 190 22.49 -14.68 22.02
CA ASP B 190 23.72 -14.83 21.25
C ASP B 190 23.59 -14.18 19.87
N LEU B 191 22.39 -14.24 19.34
CA LEU B 191 22.13 -13.70 18.02
C LEU B 191 22.51 -12.21 17.90
N SER B 192 22.68 -11.57 19.04
CA SER B 192 22.98 -10.16 19.01
C SER B 192 24.46 -9.85 18.80
N TYR B 193 25.36 -10.82 19.03
CA TYR B 193 26.78 -10.59 18.80
C TYR B 193 27.47 -11.67 17.97
N ILE B 194 26.84 -12.83 17.79
CA ILE B 194 27.49 -13.89 17.01
C ILE B 194 26.94 -13.91 15.61
N ARG B 195 27.59 -13.14 14.75
CA ARG B 195 27.19 -12.92 13.38
C ARG B 195 28.50 -12.64 12.67
N PRO B 196 28.51 -12.66 11.30
CA PRO B 196 29.77 -12.39 10.58
C PRO B 196 30.45 -11.06 11.06
N ASN B 197 29.66 -9.99 11.24
CA ASN B 197 30.12 -8.69 11.76
C ASN B 197 31.06 -7.78 10.95
N THR B 198 31.78 -8.37 9.99
CA THR B 198 32.72 -7.68 9.12
C THR B 198 32.14 -6.95 7.93
N TYR B 199 32.93 -6.00 7.41
CA TYR B 199 32.53 -5.24 6.23
C TYR B 199 32.62 -6.23 5.07
N GLU B 200 33.64 -7.04 5.09
CA GLU B 200 33.78 -8.06 4.08
C GLU B 200 32.52 -8.94 3.98
N TYR B 201 31.89 -9.29 5.08
CA TYR B 201 30.71 -10.09 4.97
C TYR B 201 29.58 -9.30 4.36
N ALA B 202 29.40 -8.04 4.78
CA ALA B 202 28.33 -7.18 4.22
C ALA B 202 28.42 -7.06 2.66
N ASP B 203 29.64 -6.92 2.12
CA ASP B 203 29.89 -6.80 0.69
C ASP B 203 29.46 -8.10 0.01
N TYR B 204 29.88 -9.20 0.63
CA TYR B 204 29.60 -10.54 0.16
C TYR B 204 28.10 -10.72 -0.02
N ALA B 205 27.33 -10.46 1.04
CA ALA B 205 25.88 -10.56 1.05
C ALA B 205 25.32 -9.71 -0.06
N TYR B 206 25.85 -8.49 -0.17
CA TYR B 206 25.43 -7.54 -1.20
C TYR B 206 25.66 -8.11 -2.58
N LYS B 207 26.89 -8.57 -2.78
CA LYS B 207 27.24 -9.10 -4.06
C LYS B 207 26.48 -10.34 -4.35
N GLN B 208 26.13 -11.13 -3.34
CA GLN B 208 25.42 -12.36 -3.69
C GLN B 208 23.96 -12.19 -4.10
N VAL B 209 23.23 -11.25 -3.46
CA VAL B 209 21.82 -10.96 -3.83
C VAL B 209 21.77 -10.21 -5.20
N MET B 210 22.73 -9.31 -5.39
CA MET B 210 22.90 -8.62 -6.66
C MET B 210 23.00 -9.71 -7.75
N GLU B 211 23.87 -10.69 -7.48
CA GLU B 211 24.10 -11.77 -8.41
C GLU B 211 22.85 -12.64 -8.65
N LEU B 212 22.05 -12.87 -7.62
CA LEU B 212 20.83 -13.64 -7.79
C LEU B 212 19.90 -12.79 -8.70
N VAL B 213 19.80 -11.49 -8.43
CA VAL B 213 18.98 -10.58 -9.26
C VAL B 213 19.45 -10.65 -10.72
N ASP B 214 20.73 -10.43 -10.89
CA ASP B 214 21.32 -10.46 -12.20
C ASP B 214 21.14 -11.78 -12.94
N LEU B 215 21.33 -12.93 -12.28
CA LEU B 215 21.20 -14.23 -12.95
C LEU B 215 19.79 -14.82 -13.13
N TYR B 216 18.84 -14.51 -12.25
CA TYR B 216 17.50 -15.11 -12.30
C TYR B 216 16.36 -14.18 -12.12
N LEU B 217 16.67 -12.90 -11.87
CA LEU B 217 15.65 -11.85 -11.63
C LEU B 217 14.42 -12.45 -10.90
N PRO B 218 14.59 -12.87 -9.64
CA PRO B 218 13.47 -13.46 -8.90
C PRO B 218 12.27 -12.55 -8.69
N ASP B 219 11.12 -13.19 -8.52
CA ASP B 219 9.85 -12.48 -8.27
C ASP B 219 9.71 -12.02 -6.79
N VAL B 220 10.49 -12.66 -5.93
CA VAL B 220 10.48 -12.33 -4.54
C VAL B 220 11.86 -12.46 -4.01
N LEU B 221 12.27 -11.47 -3.23
CA LEU B 221 13.58 -11.53 -2.58
C LEU B 221 13.26 -11.85 -1.12
N TRP B 222 13.48 -13.09 -0.72
CA TRP B 222 13.14 -13.46 0.66
C TRP B 222 14.35 -13.55 1.59
N ASN B 223 14.65 -12.47 2.30
CA ASN B 223 15.80 -12.48 3.16
C ASN B 223 15.49 -13.01 4.53
N ASP B 224 16.52 -13.42 5.26
CA ASP B 224 16.23 -13.91 6.59
C ASP B 224 17.27 -13.51 7.61
N MET B 225 16.82 -13.40 8.85
CA MET B 225 17.69 -13.11 10.01
C MET B 225 18.28 -11.71 10.00
N GLY B 226 17.57 -10.84 9.29
CA GLY B 226 17.99 -9.47 9.16
C GLY B 226 19.16 -9.29 8.22
N TRP B 227 19.51 -8.03 7.95
CA TRP B 227 20.63 -7.75 7.10
C TRP B 227 21.81 -7.17 7.89
N PRO B 228 23.04 -7.55 7.54
CA PRO B 228 24.24 -7.07 8.23
C PRO B 228 24.16 -5.56 8.43
N GLU B 229 24.35 -5.11 9.67
CA GLU B 229 24.22 -3.70 9.99
C GLU B 229 25.06 -2.82 9.07
N LYS B 230 26.28 -3.28 8.74
CA LYS B 230 27.15 -2.46 7.91
C LYS B 230 26.66 -2.32 6.46
N GLY B 231 25.71 -3.20 6.07
CA GLY B 231 25.18 -3.21 4.73
C GLY B 231 23.75 -2.69 4.60
N LYS B 232 23.08 -2.42 5.73
CA LYS B 232 21.71 -1.89 5.68
C LYS B 232 21.50 -0.80 4.64
N GLU B 233 22.38 0.20 4.57
CA GLU B 233 22.26 1.27 3.59
C GLU B 233 22.46 0.82 2.15
N ASP B 234 23.05 -0.37 1.92
CA ASP B 234 23.25 -0.88 0.54
C ASP B 234 21.90 -1.22 -0.11
N LEU B 235 20.90 -1.57 0.74
CA LEU B 235 19.59 -2.00 0.31
C LEU B 235 18.82 -0.95 -0.42
N LYS B 236 19.15 0.33 -0.21
CA LYS B 236 18.42 1.38 -0.95
C LYS B 236 18.80 1.16 -2.43
N TYR B 237 20.11 1.04 -2.67
CA TYR B 237 20.62 0.81 -4.04
C TYR B 237 20.08 -0.46 -4.64
N LEU B 238 20.18 -1.55 -3.88
CA LEU B 238 19.74 -2.86 -4.33
C LEU B 238 18.24 -2.94 -4.64
N PHE B 239 17.42 -2.34 -3.78
CA PHE B 239 15.99 -2.38 -4.02
C PHE B 239 15.72 -1.53 -5.27
N ALA B 240 16.34 -0.38 -5.35
CA ALA B 240 16.09 0.44 -6.52
C ALA B 240 16.55 -0.30 -7.82
N TYR B 241 17.70 -0.94 -7.73
CA TYR B 241 18.27 -1.71 -8.82
C TYR B 241 17.31 -2.82 -9.20
N TYR B 242 16.85 -3.54 -8.21
CA TYR B 242 15.93 -4.64 -8.46
C TYR B 242 14.56 -4.22 -9.03
N TYR B 243 13.92 -3.22 -8.44
CA TYR B 243 12.61 -2.74 -8.90
C TYR B 243 12.66 -2.08 -10.30
N ASN B 244 13.77 -1.40 -10.61
CA ASN B 244 13.88 -0.81 -11.93
C ASN B 244 14.09 -1.87 -13.04
N LYS B 245 14.59 -3.04 -12.67
CA LYS B 245 14.75 -4.13 -13.62
C LYS B 245 13.46 -4.96 -13.59
N HIS B 246 12.79 -5.07 -12.43
CA HIS B 246 11.59 -5.92 -12.31
C HIS B 246 10.57 -5.25 -11.40
N PRO B 247 9.75 -4.33 -11.93
CA PRO B 247 8.80 -3.70 -11.01
C PRO B 247 7.82 -4.64 -10.34
N GLU B 248 7.41 -5.73 -10.98
CA GLU B 248 6.51 -6.65 -10.32
C GLU B 248 7.28 -7.54 -9.31
N GLY B 249 8.57 -7.26 -9.12
CA GLY B 249 9.31 -7.99 -8.10
C GLY B 249 8.77 -7.56 -6.71
N SER B 250 9.15 -8.28 -5.67
CA SER B 250 8.70 -8.03 -4.30
C SER B 250 9.84 -8.39 -3.30
N VAL B 251 9.67 -7.90 -2.08
CA VAL B 251 10.66 -8.05 -1.03
C VAL B 251 9.95 -8.32 0.33
N ASN B 252 10.45 -9.26 1.15
CA ASN B 252 9.84 -9.51 2.46
C ASN B 252 10.35 -8.47 3.46
N ASP B 253 10.10 -8.68 4.76
CA ASP B 253 10.37 -7.72 5.82
C ASP B 253 11.45 -8.16 6.79
N ARG B 254 12.36 -9.03 6.35
CA ARG B 254 13.40 -9.47 7.27
C ARG B 254 14.74 -8.87 6.97
N TRP B 255 14.78 -7.59 6.59
CA TRP B 255 16.03 -6.92 6.26
C TRP B 255 16.35 -5.95 7.36
N GLY B 256 15.34 -5.58 8.13
CA GLY B 256 15.62 -4.64 9.18
C GLY B 256 15.83 -3.24 8.67
N VAL B 257 15.18 -2.86 7.55
CA VAL B 257 15.26 -1.45 7.07
C VAL B 257 13.81 -0.91 6.87
N PRO B 258 13.65 0.40 6.70
CA PRO B 258 12.35 1.04 6.50
C PRO B 258 11.38 0.45 5.45
N HIS B 259 11.92 -0.29 4.48
CA HIS B 259 11.14 -0.85 3.37
C HIS B 259 10.91 -2.34 3.33
N TRP B 260 9.72 -2.72 2.85
CA TRP B 260 9.30 -4.09 2.68
C TRP B 260 7.99 -4.10 1.88
N ASP B 261 7.66 -5.21 1.22
CA ASP B 261 6.41 -5.25 0.49
C ASP B 261 5.34 -6.06 1.21
N PHE B 262 5.78 -7.04 2.01
CA PHE B 262 4.88 -7.87 2.80
C PHE B 262 5.59 -8.32 4.08
N LYS B 263 4.88 -8.48 5.18
CA LYS B 263 5.56 -8.89 6.40
C LYS B 263 5.46 -10.36 6.54
N THR B 264 6.10 -10.93 7.54
CA THR B 264 6.09 -12.38 7.73
C THR B 264 5.80 -12.77 9.19
N ALA B 265 5.20 -13.96 9.35
CA ALA B 265 4.83 -14.56 10.62
C ALA B 265 5.27 -16.01 10.47
N GLU B 266 5.71 -16.63 11.56
CA GLU B 266 6.26 -17.99 11.48
C GLU B 266 5.81 -18.86 12.64
N TYR B 267 5.14 -19.96 12.33
CA TYR B 267 4.56 -20.80 13.38
C TYR B 267 3.80 -19.79 14.29
N HIS B 268 3.83 -19.96 15.61
CA HIS B 268 3.10 -19.04 16.47
C HIS B 268 3.58 -17.60 16.37
N VAL B 269 4.87 -17.43 16.14
CA VAL B 269 5.49 -16.10 16.06
C VAL B 269 4.87 -15.12 15.04
N ASN B 270 4.44 -13.98 15.59
CA ASN B 270 3.84 -12.88 14.85
C ASN B 270 2.54 -13.12 14.11
N TYR B 271 1.79 -14.13 14.56
CA TYR B 271 0.51 -14.47 13.93
C TYR B 271 -0.67 -13.54 14.31
N PRO B 272 -1.25 -12.88 13.32
CA PRO B 272 -2.38 -11.98 13.63
C PRO B 272 -3.66 -12.70 13.99
N GLY B 273 -4.37 -12.17 14.98
CA GLY B 273 -5.63 -12.77 15.38
C GLY B 273 -6.80 -12.23 14.56
N ASP B 274 -6.65 -11.05 13.98
CA ASP B 274 -7.70 -10.43 13.16
C ASP B 274 -7.01 -9.70 11.98
N LEU B 275 -7.78 -9.02 11.15
CA LEU B 275 -7.29 -8.31 9.97
C LEU B 275 -6.24 -7.22 10.19
N PRO B 276 -4.96 -7.43 9.77
CA PRO B 276 -3.96 -6.36 9.94
C PRO B 276 -4.26 -5.47 8.74
N GLY B 277 -3.55 -4.39 8.55
CA GLY B 277 -3.91 -3.59 7.40
C GLY B 277 -2.84 -3.51 6.34
N TYR B 278 -2.06 -4.59 6.19
CA TYR B 278 -0.99 -4.65 5.19
C TYR B 278 -0.88 -6.09 4.76
N LYS B 279 -0.15 -6.36 3.70
CA LYS B 279 0.02 -7.71 3.24
C LYS B 279 1.07 -8.48 4.03
N TRP B 280 0.78 -9.73 4.38
CA TRP B 280 1.73 -10.54 5.11
C TRP B 280 1.66 -11.95 4.58
N GLU B 281 2.61 -12.76 4.98
CA GLU B 281 2.68 -14.12 4.57
C GLU B 281 2.99 -14.96 5.81
N PHE B 282 2.35 -16.13 5.90
CA PHE B 282 2.59 -17.05 7.00
C PHE B 282 3.45 -18.21 6.53
N THR B 283 4.40 -18.61 7.34
CA THR B 283 5.18 -19.73 6.89
C THR B 283 5.36 -20.76 8.01
N ARG B 284 5.42 -22.03 7.58
CA ARG B 284 5.64 -23.15 8.49
C ARG B 284 5.90 -24.36 7.65
N GLY B 285 6.40 -25.40 8.33
CA GLY B 285 6.62 -26.65 7.63
C GLY B 285 5.36 -27.53 7.71
N ILE B 286 5.36 -28.59 6.89
CA ILE B 286 4.29 -29.56 6.89
C ILE B 286 4.41 -30.18 8.30
N GLY B 287 5.66 -30.26 8.77
CA GLY B 287 5.96 -30.76 10.11
C GLY B 287 6.55 -29.66 11.01
N LEU B 288 7.43 -30.04 11.94
CA LEU B 288 8.10 -29.11 12.87
C LEU B 288 9.43 -28.49 12.34
N SER B 289 10.02 -29.08 11.31
CA SER B 289 11.28 -28.61 10.78
C SER B 289 11.11 -28.07 9.36
N PHE B 290 12.07 -27.28 8.90
CA PHE B 290 12.01 -26.80 7.54
C PHE B 290 12.83 -27.72 6.65
N GLY B 291 14.03 -28.08 7.08
CA GLY B 291 14.80 -29.03 6.31
C GLY B 291 14.22 -30.41 6.60
N TYR B 292 14.55 -31.39 5.76
CA TYR B 292 14.07 -32.75 5.95
C TYR B 292 14.49 -33.30 7.32
N ASN B 293 13.55 -33.85 8.11
CA ASN B 293 13.86 -34.48 9.42
C ASN B 293 13.35 -35.92 9.33
N ARG B 294 14.26 -36.87 9.18
CA ARG B 294 13.85 -38.27 9.09
C ARG B 294 13.25 -38.78 10.43
N ASN B 295 13.20 -37.97 11.48
CA ASN B 295 12.61 -38.39 12.76
C ASN B 295 11.13 -38.01 12.75
N GLU B 296 10.74 -37.17 11.82
CA GLU B 296 9.36 -36.81 11.87
C GLU B 296 8.42 -37.86 11.29
N GLY B 297 7.33 -38.12 12.02
CA GLY B 297 6.31 -39.05 11.56
C GLY B 297 4.98 -38.31 11.43
N PRO B 298 3.93 -38.98 10.97
CA PRO B 298 2.67 -38.24 10.87
C PRO B 298 2.27 -37.53 12.15
N GLU B 299 2.68 -38.06 13.31
CA GLU B 299 2.40 -37.43 14.61
C GLU B 299 2.89 -36.00 14.64
N HIS B 300 3.82 -35.66 13.76
CA HIS B 300 4.40 -34.31 13.76
C HIS B 300 3.94 -33.38 12.62
N MET B 301 3.34 -34.00 11.62
CA MET B 301 2.88 -33.26 10.48
C MET B 301 1.47 -32.80 10.62
N LEU B 302 1.11 -31.77 9.86
CA LEU B 302 -0.26 -31.29 9.88
C LEU B 302 -0.95 -32.30 9.01
N SER B 303 -2.29 -32.38 9.14
CA SER B 303 -3.06 -33.27 8.30
C SER B 303 -3.63 -32.39 7.19
N VAL B 304 -4.02 -32.99 6.08
CA VAL B 304 -4.57 -32.21 4.98
C VAL B 304 -5.65 -31.27 5.52
N GLU B 305 -6.47 -31.74 6.45
CA GLU B 305 -7.51 -30.91 7.02
C GLU B 305 -6.95 -29.66 7.74
N GLN B 306 -5.91 -29.90 8.52
CA GLN B 306 -5.26 -28.82 9.22
C GLN B 306 -4.54 -27.89 8.22
N LEU B 307 -4.02 -28.45 7.12
CA LEU B 307 -3.41 -27.58 6.14
C LEU B 307 -4.47 -26.65 5.59
N VAL B 308 -5.61 -27.23 5.22
CA VAL B 308 -6.70 -26.47 4.66
C VAL B 308 -7.19 -25.41 5.64
N TYR B 309 -7.43 -25.79 6.88
CA TYR B 309 -7.86 -24.78 7.81
C TYR B 309 -6.78 -23.69 7.99
N THR B 310 -5.51 -24.08 7.95
CA THR B 310 -4.45 -23.13 8.10
C THR B 310 -4.53 -22.14 6.95
N LEU B 311 -4.57 -22.66 5.74
CA LEU B 311 -4.64 -21.76 4.58
C LEU B 311 -5.87 -20.84 4.68
N VAL B 312 -7.05 -21.38 4.92
CA VAL B 312 -8.23 -20.52 4.98
C VAL B 312 -8.10 -19.46 6.02
N ASP B 313 -7.54 -19.82 7.16
CA ASP B 313 -7.38 -18.83 8.21
C ASP B 313 -6.43 -17.75 7.78
N VAL B 314 -5.33 -18.16 7.18
CA VAL B 314 -4.38 -17.19 6.72
C VAL B 314 -5.02 -16.29 5.67
N VAL B 315 -5.73 -16.86 4.70
CA VAL B 315 -6.28 -16.05 3.62
C VAL B 315 -7.36 -15.06 4.00
N SER B 316 -8.17 -15.44 4.97
CA SER B 316 -9.27 -14.60 5.39
C SER B 316 -8.74 -13.37 6.13
N LYS B 317 -7.44 -13.42 6.47
CA LYS B 317 -6.81 -12.33 7.20
C LYS B 317 -5.86 -11.48 6.35
N GLY B 318 -6.00 -11.57 5.05
CA GLY B 318 -5.12 -10.84 4.18
C GLY B 318 -3.79 -11.51 3.87
N GLY B 319 -3.46 -12.65 4.46
CA GLY B 319 -2.15 -13.22 4.16
C GLY B 319 -2.03 -14.28 3.05
N ASN B 320 -0.80 -14.71 2.80
CA ASN B 320 -0.52 -15.76 1.84
C ASN B 320 0.06 -16.81 2.77
N LEU B 321 -0.08 -18.09 2.41
CA LEU B 321 0.53 -19.14 3.19
C LEU B 321 1.68 -19.63 2.34
N LEU B 322 2.88 -19.65 2.91
CA LEU B 322 4.07 -20.14 2.21
C LEU B 322 4.40 -21.47 2.90
N LEU B 323 3.92 -22.58 2.34
CA LEU B 323 4.11 -23.87 2.96
C LEU B 323 5.46 -24.43 2.63
N ASN B 324 6.19 -24.88 3.64
CA ASN B 324 7.53 -25.41 3.37
C ASN B 324 7.64 -26.91 3.14
N VAL B 325 8.43 -27.28 2.15
CA VAL B 325 8.67 -28.68 1.83
C VAL B 325 10.17 -28.95 2.06
N GLY B 326 10.51 -30.05 2.74
CA GLY B 326 11.90 -30.40 3.03
C GLY B 326 12.41 -31.65 2.29
N PRO B 327 12.97 -31.48 1.10
CA PRO B 327 13.48 -32.61 0.33
C PRO B 327 14.67 -33.29 0.95
N LYS B 328 14.98 -34.45 0.35
CA LYS B 328 16.08 -35.33 0.76
C LYS B 328 17.34 -34.97 -0.02
N GLY B 329 18.48 -35.44 0.45
CA GLY B 329 19.73 -35.18 -0.24
C GLY B 329 19.71 -35.76 -1.65
N ASP B 330 18.90 -36.80 -1.92
CA ASP B 330 18.88 -37.38 -3.28
C ASP B 330 17.93 -36.55 -4.16
N GLY B 331 17.24 -35.62 -3.53
CA GLY B 331 16.36 -34.76 -4.29
C GLY B 331 14.92 -35.24 -4.41
N THR B 332 14.54 -36.24 -3.63
CA THR B 332 13.16 -36.69 -3.67
C THR B 332 12.35 -36.05 -2.52
N ILE B 333 11.06 -35.89 -2.72
CA ILE B 333 10.28 -35.29 -1.66
C ILE B 333 9.62 -36.40 -0.86
N PRO B 334 10.00 -36.58 0.37
CA PRO B 334 9.41 -37.64 1.22
C PRO B 334 7.89 -37.84 1.04
N ASP B 335 7.45 -39.09 1.02
CA ASP B 335 6.05 -39.37 0.81
C ASP B 335 5.02 -38.75 1.76
N LEU B 336 5.28 -38.69 3.05
CA LEU B 336 4.34 -38.03 3.96
C LEU B 336 4.03 -36.56 3.51
N GLN B 337 5.02 -35.88 2.92
CA GLN B 337 4.84 -34.51 2.50
C GLN B 337 4.17 -34.43 1.12
N LYS B 338 4.55 -35.30 0.22
CA LYS B 338 3.93 -35.33 -1.12
C LYS B 338 2.42 -35.60 -0.92
N GLU B 339 2.07 -36.55 -0.06
CA GLU B 339 0.69 -36.89 0.17
C GLU B 339 -0.12 -35.65 0.51
N ARG B 340 0.36 -34.93 1.52
CA ARG B 340 -0.25 -33.70 2.02
C ARG B 340 -0.41 -32.57 1.01
N LEU B 341 0.61 -32.34 0.16
CA LEU B 341 0.53 -31.29 -0.88
C LEU B 341 -0.65 -31.60 -1.81
N LEU B 342 -0.67 -32.86 -2.24
CA LEU B 342 -1.70 -33.39 -3.10
C LEU B 342 -3.04 -33.21 -2.43
N GLY B 343 -3.13 -33.49 -1.14
CA GLY B 343 -4.39 -33.31 -0.44
C GLY B 343 -4.86 -31.87 -0.58
N LEU B 344 -4.00 -30.94 -0.14
CA LEU B 344 -4.26 -29.51 -0.23
C LEU B 344 -4.62 -29.14 -1.65
N GLY B 345 -3.84 -29.65 -2.60
CA GLY B 345 -4.08 -29.37 -4.00
C GLY B 345 -5.46 -29.79 -4.47
N GLU B 346 -5.97 -30.94 -4.01
CA GLU B 346 -7.31 -31.42 -4.40
C GLU B 346 -8.40 -30.49 -3.88
N TRP B 347 -8.29 -30.11 -2.62
CA TRP B 347 -9.25 -29.19 -2.00
C TRP B 347 -9.25 -27.86 -2.76
N LEU B 348 -8.08 -27.40 -3.19
CA LEU B 348 -7.97 -26.15 -3.91
C LEU B 348 -8.66 -26.24 -5.26
N ARG B 349 -8.60 -27.45 -5.85
CA ARG B 349 -9.20 -27.77 -7.15
C ARG B 349 -10.71 -27.48 -7.04
N LYS B 350 -11.31 -27.95 -5.95
CA LYS B 350 -12.74 -27.72 -5.71
C LYS B 350 -13.09 -26.31 -5.22
N TYR B 351 -12.34 -25.81 -4.22
CA TYR B 351 -12.65 -24.54 -3.59
C TYR B 351 -11.83 -23.31 -3.92
N GLY B 352 -10.76 -23.48 -4.69
CA GLY B 352 -9.95 -22.34 -5.05
C GLY B 352 -10.56 -21.00 -5.49
N ASP B 353 -11.73 -21.00 -6.09
CA ASP B 353 -12.29 -19.73 -6.52
C ASP B 353 -12.71 -18.90 -5.28
N ALA B 354 -12.75 -19.50 -4.11
CA ALA B 354 -13.10 -18.72 -2.91
C ALA B 354 -11.81 -18.35 -2.10
N ILE B 355 -10.65 -18.62 -2.72
CA ILE B 355 -9.33 -18.37 -2.14
C ILE B 355 -8.43 -17.49 -3.03
N TYR B 356 -8.11 -17.98 -4.23
CA TYR B 356 -7.27 -17.22 -5.16
C TYR B 356 -8.00 -15.96 -5.54
N GLY B 357 -7.24 -14.88 -5.73
CA GLY B 357 -7.82 -13.59 -6.09
C GLY B 357 -8.80 -12.96 -5.09
N THR B 358 -8.96 -13.47 -3.88
CA THR B 358 -9.93 -12.84 -2.99
C THR B 358 -9.35 -11.69 -2.14
N SER B 359 -10.23 -10.98 -1.45
CA SER B 359 -9.82 -9.88 -0.61
C SER B 359 -10.45 -10.16 0.74
N VAL B 360 -10.06 -9.39 1.74
CA VAL B 360 -10.64 -9.60 3.05
C VAL B 360 -12.02 -8.97 3.09
N TRP B 361 -12.83 -9.42 4.04
CA TRP B 361 -14.16 -8.88 4.18
C TRP B 361 -14.10 -7.91 5.38
N GLU B 362 -15.25 -7.52 5.93
CA GLU B 362 -15.25 -6.60 7.06
C GLU B 362 -14.66 -7.22 8.30
N ARG B 363 -14.90 -8.51 8.40
CA ARG B 363 -14.39 -9.30 9.49
C ARG B 363 -13.89 -10.59 8.85
N CYS B 364 -12.96 -11.26 9.54
CA CYS B 364 -12.33 -12.47 9.09
C CYS B 364 -12.97 -13.71 9.64
N CYS B 365 -13.63 -13.51 10.79
CA CYS B 365 -14.08 -14.65 11.53
C CYS B 365 -15.46 -14.59 12.19
N ALA B 366 -15.98 -15.78 12.47
CA ALA B 366 -17.27 -15.94 13.13
C ALA B 366 -17.35 -17.39 13.52
N LYS B 367 -18.31 -17.75 14.35
CA LYS B 367 -18.49 -19.16 14.71
C LYS B 367 -19.93 -19.59 14.93
N THR B 368 -20.17 -20.90 14.73
CA THR B 368 -21.50 -21.45 14.92
C THR B 368 -21.83 -21.56 16.40
N GLU B 369 -23.12 -21.50 16.68
CA GLU B 369 -23.66 -21.65 18.03
C GLU B 369 -22.99 -22.85 18.73
N ASP B 370 -22.62 -23.85 17.94
CA ASP B 370 -21.95 -25.06 18.44
C ASP B 370 -20.40 -25.00 18.29
N GLY B 371 -19.86 -23.80 18.05
CA GLY B 371 -18.42 -23.66 17.93
C GLY B 371 -17.62 -24.20 16.74
N THR B 372 -18.21 -24.29 15.54
CA THR B 372 -17.40 -24.69 14.40
C THR B 372 -16.93 -23.31 13.97
N GLU B 373 -15.64 -23.19 13.63
CA GLU B 373 -15.10 -21.91 13.21
C GLU B 373 -15.37 -21.55 11.72
N ILE B 374 -15.69 -20.30 11.51
CA ILE B 374 -15.98 -19.78 10.19
C ILE B 374 -14.98 -18.66 9.80
N ARG B 375 -14.64 -18.59 8.52
CA ARG B 375 -13.77 -17.56 7.98
C ARG B 375 -14.46 -16.93 6.75
N PHE B 376 -14.18 -15.66 6.43
CA PHE B 376 -14.80 -15.03 5.24
C PHE B 376 -13.75 -14.55 4.29
N THR B 377 -14.08 -14.47 3.01
CA THR B 377 -13.20 -13.92 1.97
C THR B 377 -14.13 -13.20 1.01
N ARG B 378 -13.62 -12.23 0.27
CA ARG B 378 -14.46 -11.47 -0.63
C ARG B 378 -13.97 -11.50 -2.08
N LYS B 379 -14.87 -11.21 -3.02
CA LYS B 379 -14.58 -11.12 -4.46
C LYS B 379 -15.75 -10.28 -4.96
N CYS B 380 -15.56 -8.97 -4.84
CA CYS B 380 -16.52 -7.95 -5.20
C CYS B 380 -17.74 -8.00 -4.31
N ASN B 381 -18.87 -8.40 -4.88
CA ASN B 381 -20.14 -8.49 -4.18
C ASN B 381 -20.31 -9.88 -3.51
N ARG B 382 -19.54 -10.84 -4.00
CA ARG B 382 -19.59 -12.20 -3.49
C ARG B 382 -18.82 -12.36 -2.18
N ILE B 383 -19.45 -12.97 -1.19
CA ILE B 383 -18.78 -13.20 0.09
C ILE B 383 -18.70 -14.70 0.34
N PHE B 384 -17.49 -15.23 0.45
CA PHE B 384 -17.37 -16.64 0.73
C PHE B 384 -17.32 -16.87 2.21
N VAL B 385 -18.15 -17.81 2.68
CA VAL B 385 -18.27 -18.19 4.09
C VAL B 385 -17.73 -19.62 4.15
N ILE B 386 -16.53 -19.77 4.71
CA ILE B 386 -15.86 -21.07 4.78
C ILE B 386 -15.86 -21.57 6.19
N PHE B 387 -16.49 -22.73 6.38
CA PHE B 387 -16.60 -23.40 7.66
C PHE B 387 -15.35 -24.24 7.79
N LEU B 388 -14.77 -24.29 8.98
CA LEU B 388 -13.58 -25.09 9.13
C LEU B 388 -14.02 -26.50 9.56
N GLY B 389 -14.67 -27.17 8.63
CA GLY B 389 -15.20 -28.49 8.89
C GLY B 389 -16.63 -28.48 8.37
N ILE B 390 -17.29 -29.64 8.39
CA ILE B 390 -18.65 -29.74 7.88
C ILE B 390 -19.69 -30.10 8.96
N PRO B 391 -20.58 -29.14 9.29
CA PRO B 391 -21.63 -29.36 10.30
C PRO B 391 -22.48 -30.60 10.03
N THR B 392 -23.04 -31.16 11.10
CA THR B 392 -23.90 -32.35 11.02
C THR B 392 -25.38 -31.96 10.82
N GLY B 393 -25.96 -31.19 11.73
CA GLY B 393 -27.36 -30.81 11.55
C GLY B 393 -27.53 -30.02 10.28
N GLU B 394 -28.77 -29.78 9.83
CA GLU B 394 -28.99 -29.01 8.62
C GLU B 394 -29.24 -27.59 9.05
N LYS B 395 -29.58 -27.44 10.32
CA LYS B 395 -29.81 -26.13 10.86
C LYS B 395 -28.43 -25.63 11.24
N ILE B 396 -28.16 -24.39 10.88
CA ILE B 396 -26.87 -23.83 11.18
C ILE B 396 -27.06 -22.45 11.76
N VAL B 397 -26.56 -22.26 12.98
CA VAL B 397 -26.66 -20.96 13.64
C VAL B 397 -25.28 -20.27 13.78
N ILE B 398 -25.07 -19.22 13.01
CA ILE B 398 -23.80 -18.50 13.09
C ILE B 398 -24.04 -17.35 14.02
N GLU B 399 -23.21 -17.25 15.05
CA GLU B 399 -23.32 -16.22 16.06
C GLU B 399 -22.87 -14.79 15.69
N ASP B 400 -23.57 -13.81 16.21
CA ASP B 400 -23.18 -12.42 15.96
C ASP B 400 -23.01 -12.15 14.48
N LEU B 401 -24.10 -12.21 13.72
CA LEU B 401 -23.98 -11.98 12.27
C LEU B 401 -25.33 -11.85 11.59
N ASN B 402 -25.46 -10.80 10.77
CA ASN B 402 -26.70 -10.57 10.03
C ASN B 402 -26.35 -10.25 8.58
N LEU B 403 -26.89 -10.98 7.60
CA LEU B 403 -26.57 -10.60 6.23
C LEU B 403 -27.63 -9.66 5.64
N SER B 404 -27.16 -8.63 4.97
CA SER B 404 -28.05 -7.67 4.34
C SER B 404 -28.36 -8.28 2.97
N ALA B 405 -27.45 -9.13 2.53
CA ALA B 405 -27.53 -9.83 1.24
C ALA B 405 -28.89 -10.46 0.99
N GLY B 406 -29.31 -10.36 -0.28
CA GLY B 406 -30.56 -10.95 -0.63
C GLY B 406 -30.40 -12.46 -0.73
N THR B 407 -29.30 -12.93 -1.32
CA THR B 407 -29.16 -14.37 -1.52
C THR B 407 -27.93 -15.07 -0.95
N VAL B 408 -28.10 -16.29 -0.42
CA VAL B 408 -27.03 -17.12 0.14
C VAL B 408 -27.04 -18.49 -0.59
N ARG B 409 -25.98 -18.82 -1.32
CA ARG B 409 -25.93 -20.07 -2.09
C ARG B 409 -24.95 -21.08 -1.53
N HIS B 410 -25.18 -22.37 -1.77
CA HIS B 410 -24.27 -23.39 -1.34
C HIS B 410 -23.26 -23.47 -2.46
N PHE B 411 -22.07 -22.94 -2.17
CA PHE B 411 -20.95 -22.83 -3.08
C PHE B 411 -20.67 -23.89 -4.13
N LEU B 412 -20.32 -25.09 -3.71
CA LEU B 412 -19.95 -26.13 -4.67
C LEU B 412 -21.06 -26.50 -5.71
N THR B 413 -22.34 -26.34 -5.35
CA THR B 413 -23.48 -26.66 -6.22
C THR B 413 -24.17 -25.43 -6.80
N GLY B 414 -24.26 -24.37 -6.01
CA GLY B 414 -24.88 -23.15 -6.48
C GLY B 414 -26.30 -23.06 -5.97
N GLU B 415 -26.75 -24.14 -5.36
CA GLU B 415 -28.13 -24.19 -4.86
C GLU B 415 -28.51 -23.10 -3.85
N ARG B 416 -29.48 -22.27 -4.23
CA ARG B 416 -29.97 -21.22 -3.34
C ARG B 416 -30.33 -21.89 -2.01
N LEU B 417 -30.14 -21.17 -0.90
CA LEU B 417 -30.44 -21.67 0.43
C LEU B 417 -31.28 -20.67 1.17
N SER B 418 -31.98 -21.17 2.19
CA SER B 418 -32.86 -20.36 3.01
C SER B 418 -32.17 -19.91 4.25
N PHE B 419 -32.37 -18.65 4.55
CA PHE B 419 -31.77 -18.08 5.72
C PHE B 419 -32.55 -16.87 6.14
N LYS B 420 -32.39 -16.54 7.40
CA LYS B 420 -33.05 -15.36 7.90
C LYS B 420 -32.22 -14.95 9.11
N ASN B 421 -32.15 -13.64 9.32
CA ASN B 421 -31.44 -13.06 10.45
C ASN B 421 -32.30 -13.13 11.69
N VAL B 422 -32.18 -14.25 12.39
CA VAL B 422 -32.92 -14.51 13.62
C VAL B 422 -32.26 -13.71 14.74
N GLY B 423 -32.57 -12.42 14.85
CA GLY B 423 -31.98 -11.64 15.93
C GLY B 423 -30.56 -11.15 15.69
N LYS B 424 -29.64 -11.49 16.59
CA LYS B 424 -28.27 -11.04 16.44
C LYS B 424 -27.41 -12.06 15.68
N ASN B 425 -28.08 -13.16 15.31
CA ASN B 425 -27.48 -14.28 14.58
C ASN B 425 -28.05 -14.42 13.17
N LEU B 426 -27.54 -15.43 12.48
CA LEU B 426 -27.98 -15.75 11.13
C LEU B 426 -28.12 -17.27 11.06
N GLU B 427 -29.31 -17.74 10.63
CA GLU B 427 -29.56 -19.17 10.49
C GLU B 427 -29.76 -19.52 9.04
N ILE B 428 -29.09 -20.61 8.64
CA ILE B 428 -29.14 -21.14 7.27
C ILE B 428 -29.42 -22.63 7.33
N THR B 429 -30.15 -23.13 6.33
CA THR B 429 -30.42 -24.57 6.29
C THR B 429 -29.68 -25.23 5.13
N VAL B 430 -28.79 -26.13 5.49
CA VAL B 430 -28.02 -26.80 4.49
C VAL B 430 -28.48 -28.24 4.40
N PRO B 431 -29.20 -28.58 3.32
CA PRO B 431 -29.73 -29.92 3.03
C PRO B 431 -28.61 -30.98 2.99
N LYS B 432 -28.68 -31.95 3.89
CA LYS B 432 -27.68 -33.00 4.00
C LYS B 432 -27.10 -33.43 2.63
N LYS B 433 -27.92 -33.52 1.59
CA LYS B 433 -27.35 -33.92 0.31
C LYS B 433 -26.17 -32.98 0.01
N LEU B 434 -26.37 -31.68 0.23
CA LEU B 434 -25.31 -30.71 -0.02
C LEU B 434 -24.19 -30.90 0.99
N LEU B 435 -24.53 -30.89 2.27
CA LEU B 435 -23.52 -31.09 3.27
C LEU B 435 -22.66 -32.30 2.91
N GLU B 436 -23.25 -33.38 2.43
CA GLU B 436 -22.42 -34.52 2.11
C GLU B 436 -21.53 -34.21 0.89
N THR B 437 -21.91 -33.26 0.04
CA THR B 437 -21.05 -33.00 -1.11
C THR B 437 -19.70 -32.34 -0.79
N ASP B 438 -19.68 -31.41 0.16
CA ASP B 438 -18.43 -30.73 0.48
C ASP B 438 -17.34 -31.63 1.05
N SER B 439 -16.11 -31.18 0.87
CA SER B 439 -14.90 -31.91 1.32
C SER B 439 -14.19 -31.05 2.39
N ILE B 440 -13.95 -31.62 3.55
CA ILE B 440 -13.28 -30.90 4.63
C ILE B 440 -13.92 -29.58 5.16
N THR B 441 -14.43 -28.74 4.26
CA THR B 441 -15.04 -27.46 4.63
C THR B 441 -16.36 -27.18 3.93
N LEU B 442 -17.36 -26.78 4.69
CA LEU B 442 -18.64 -26.42 4.15
C LEU B 442 -18.47 -24.99 3.64
N VAL B 443 -18.59 -24.73 2.35
CA VAL B 443 -18.45 -23.35 1.88
C VAL B 443 -19.76 -22.78 1.33
N LEU B 444 -20.17 -21.61 1.80
CA LEU B 444 -21.39 -20.93 1.30
C LEU B 444 -20.97 -19.66 0.51
N GLU B 445 -21.86 -19.09 -0.28
CA GLU B 445 -21.56 -17.90 -1.06
C GLU B 445 -22.75 -17.00 -0.86
N ALA B 446 -22.49 -15.76 -0.46
CA ALA B 446 -23.53 -14.79 -0.21
C ALA B 446 -23.28 -13.61 -1.12
N VAL B 447 -24.34 -13.08 -1.68
CA VAL B 447 -24.18 -11.93 -2.57
C VAL B 447 -25.09 -10.85 -2.00
N GLU B 448 -24.53 -9.66 -1.84
CA GLU B 448 -25.23 -8.50 -1.25
C GLU B 448 -25.68 -7.47 -2.30
#